data_2C35
#
_entry.id   2C35
#
_cell.length_a   45.690
_cell.length_b   83.190
_cell.length_c   99.310
_cell.angle_alpha   85.53
_cell.angle_beta   81.80
_cell.angle_gamma   81.77
#
_symmetry.space_group_name_H-M   'P 1'
#
loop_
_entity.id
_entity.type
_entity.pdbx_description
1 polymer 'DNA-DIRECTED RNA POLYMERASE II 16 KDA POLYPEPTIDE'
2 polymer 'DNA-DIRECTED RNA POLYMERASE II 19 KDA POLYPEPTIDE'
3 water water
#
loop_
_entity_poly.entity_id
_entity_poly.type
_entity_poly.pdbx_seq_one_letter_code
_entity_poly.pdbx_strand_id
1 'polypeptide(L)'
;GSRRASVGSQMAAGGSDPRAGDVEEDASQLIFPKEFETAETLLNSEVHMLLEHRKQQNESAEDEQELSEVFMKTLNYTAR
FSRFKNRETIASVRSLLLQKKLHKFELACLANLCPETAEESKALIPSLEGRFEDEELQQILDDIQTKRSFQY
;
A,C,E,G
2 'polypeptide(L)'
;MFYHISLEHEILLHPRYFGPNLLNTVKQKLFTEVEGTCTGKYGFVIAVTTIDNIGAGVIQPGRGFVLYPVKYKAIVFRPF
KGEVVDAVVTQVNKVGLFTEIGPMSCFISRHSIPSEMEFDPNSNPPCYKTMDEDIVIQQDDEIRLKIVGTRVDKNDIFAI
GSLMDDYLGLVS
;
B,D,F,H
#
# COMPACT_ATOMS: atom_id res chain seq x y z
N GLU A 24 10.78 16.36 21.96
CA GLU A 24 11.55 16.90 20.81
C GLU A 24 10.74 16.87 19.50
N GLU A 25 9.92 15.84 19.33
CA GLU A 25 9.09 15.71 18.14
C GLU A 25 7.63 16.01 18.47
N ASP A 26 6.87 16.39 17.44
CA ASP A 26 5.46 16.73 17.61
C ASP A 26 4.76 16.87 16.27
N ALA A 27 3.89 15.90 15.97
CA ALA A 27 3.16 15.84 14.70
C ALA A 27 2.19 16.99 14.48
N SER A 28 1.75 17.60 15.56
CA SER A 28 0.82 18.70 15.45
C SER A 28 1.53 19.92 14.89
N GLN A 29 2.84 19.80 14.71
CA GLN A 29 3.62 20.89 14.16
C GLN A 29 4.53 20.33 13.10
N LEU A 30 4.18 19.14 12.64
CA LEU A 30 4.94 18.46 11.60
C LEU A 30 6.44 18.38 11.92
N ILE A 31 6.75 18.25 13.20
CA ILE A 31 8.13 18.12 13.68
C ILE A 31 8.40 16.61 13.86
N PHE A 32 9.02 15.98 12.86
CA PHE A 32 9.29 14.55 12.91
C PHE A 32 10.77 14.24 12.97
N PRO A 33 11.13 13.05 13.46
CA PRO A 33 12.55 12.67 13.52
C PRO A 33 13.12 12.56 12.11
N LYS A 34 14.44 12.58 12.01
CA LYS A 34 15.11 12.49 10.72
C LYS A 34 14.71 11.25 9.93
N GLU A 35 14.88 10.09 10.54
CA GLU A 35 14.56 8.83 9.90
C GLU A 35 13.29 8.91 9.06
N PHE A 36 12.24 9.51 9.61
CA PHE A 36 10.99 9.62 8.87
C PHE A 36 10.90 10.93 8.10
N GLU A 37 11.72 11.04 7.06
CA GLU A 37 11.70 12.23 6.23
C GLU A 37 11.59 11.72 4.80
N THR A 38 12.51 10.81 4.48
CA THR A 38 12.60 10.17 3.17
C THR A 38 11.52 9.11 3.04
N ALA A 39 10.67 9.02 4.06
CA ALA A 39 9.60 8.04 4.09
C ALA A 39 8.30 8.56 3.49
N GLU A 40 7.43 7.62 3.14
CA GLU A 40 6.13 7.95 2.57
C GLU A 40 5.04 7.37 3.47
N THR A 41 3.96 8.11 3.66
CA THR A 41 2.87 7.66 4.50
C THR A 41 1.91 6.70 3.79
N LEU A 42 1.24 5.86 4.57
CA LEU A 42 0.30 4.88 4.03
C LEU A 42 -1.06 4.98 4.70
N LEU A 43 -2.13 4.95 3.90
CA LEU A 43 -3.47 5.00 4.46
C LEU A 43 -3.71 3.65 5.10
N ASN A 44 -4.56 3.61 6.13
CA ASN A 44 -4.87 2.33 6.76
C ASN A 44 -5.39 1.37 5.68
N SER A 45 -6.08 1.91 4.69
CA SER A 45 -6.62 1.10 3.60
C SER A 45 -5.50 0.47 2.77
N GLU A 46 -4.50 1.28 2.43
CA GLU A 46 -3.38 0.77 1.65
C GLU A 46 -2.64 -0.28 2.47
N VAL A 47 -2.46 0.00 3.76
CA VAL A 47 -1.77 -0.93 4.65
C VAL A 47 -2.49 -2.24 4.59
N HIS A 48 -3.82 -2.18 4.75
CA HIS A 48 -4.64 -3.37 4.72
C HIS A 48 -4.43 -4.18 3.42
N MET A 49 -4.44 -3.50 2.28
CA MET A 49 -4.26 -4.18 1.02
C MET A 49 -2.91 -4.88 1.00
N LEU A 50 -1.85 -4.13 1.33
CA LEU A 50 -0.51 -4.70 1.35
C LEU A 50 -0.40 -5.91 2.28
N LEU A 51 -0.95 -5.79 3.49
CA LEU A 51 -0.88 -6.88 4.45
C LEU A 51 -1.68 -8.09 3.96
N GLU A 52 -2.76 -7.82 3.23
CA GLU A 52 -3.60 -8.89 2.72
C GLU A 52 -2.81 -9.74 1.73
N HIS A 53 -1.98 -9.08 0.94
CA HIS A 53 -1.17 -9.76 -0.05
C HIS A 53 -0.07 -10.59 0.62
N ARG A 54 0.57 -10.02 1.64
CA ARG A 54 1.61 -10.71 2.36
C ARG A 54 1.05 -12.00 2.99
N LYS A 55 -0.22 -11.96 3.40
CA LYS A 55 -0.85 -13.13 4.00
C LYS A 55 -1.05 -14.21 2.95
N GLN A 56 -1.58 -13.81 1.80
CA GLN A 56 -1.82 -14.75 0.70
C GLN A 56 -0.51 -15.48 0.38
N GLN A 57 0.61 -14.78 0.47
CA GLN A 57 1.90 -15.38 0.19
C GLN A 57 2.32 -16.38 1.28
N ASN A 58 2.17 -15.98 2.53
CA ASN A 58 2.51 -16.85 3.66
C ASN A 58 1.65 -18.10 3.62
N GLU A 59 0.34 -17.91 3.36
CA GLU A 59 -0.61 -19.01 3.28
C GLU A 59 -0.11 -20.00 2.22
N SER A 60 -0.17 -19.59 0.96
CA SER A 60 0.30 -20.45 -0.11
C SER A 60 1.81 -20.57 0.12
N ALA A 61 2.48 -21.40 -0.68
CA ALA A 61 3.92 -21.60 -0.55
C ALA A 61 4.31 -21.90 0.90
N GLU A 62 4.18 -23.17 1.30
CA GLU A 62 4.49 -23.61 2.66
C GLU A 62 6.00 -23.55 2.93
N ASP A 63 6.38 -23.98 4.14
CA ASP A 63 7.76 -23.95 4.58
C ASP A 63 8.06 -22.53 5.07
N GLU A 64 7.06 -21.92 5.72
CA GLU A 64 7.15 -20.57 6.27
C GLU A 64 6.22 -20.46 7.49
N GLN A 65 6.79 -20.08 8.61
CA GLN A 65 6.05 -19.94 9.87
C GLN A 65 4.84 -19.00 9.80
N GLU A 66 3.83 -19.25 10.64
CA GLU A 66 2.63 -18.42 10.68
C GLU A 66 3.08 -16.99 10.94
N LEU A 67 2.28 -16.03 10.54
CA LEU A 67 2.69 -14.65 10.73
C LEU A 67 2.66 -14.22 12.18
N SER A 68 3.27 -13.06 12.45
CA SER A 68 3.37 -12.54 13.80
C SER A 68 2.09 -11.94 14.36
N GLU A 69 2.07 -11.79 15.68
CA GLU A 69 0.92 -11.23 16.35
C GLU A 69 0.81 -9.79 15.89
N VAL A 70 1.95 -9.12 15.77
CA VAL A 70 1.96 -7.74 15.33
C VAL A 70 1.24 -7.62 13.99
N PHE A 71 1.53 -8.56 13.09
CA PHE A 71 0.88 -8.56 11.79
C PHE A 71 -0.63 -8.65 12.02
N MET A 72 -1.07 -9.81 12.47
CA MET A 72 -2.47 -10.07 12.77
C MET A 72 -3.22 -8.86 13.35
N LYS A 73 -2.71 -8.29 14.45
CA LYS A 73 -3.37 -7.12 15.06
C LYS A 73 -3.47 -5.96 14.07
N THR A 74 -2.42 -5.77 13.26
CA THR A 74 -2.41 -4.68 12.29
C THR A 74 -3.37 -4.98 11.13
N LEU A 75 -3.47 -6.26 10.79
CA LEU A 75 -4.35 -6.69 9.72
C LEU A 75 -5.80 -6.38 10.08
N ASN A 76 -6.17 -6.64 11.33
CA ASN A 76 -7.54 -6.42 11.79
C ASN A 76 -7.84 -4.97 12.05
N TYR A 77 -6.90 -4.29 12.69
CA TYR A 77 -7.10 -2.89 12.99
C TYR A 77 -7.28 -2.11 11.72
N THR A 78 -6.37 -2.36 10.80
CA THR A 78 -6.35 -1.70 9.52
C THR A 78 -7.65 -1.93 8.80
N ALA A 79 -8.07 -3.19 8.70
CA ALA A 79 -9.32 -3.53 8.03
C ALA A 79 -10.46 -2.76 8.69
N ARG A 80 -10.61 -3.00 9.98
CA ARG A 80 -11.64 -2.36 10.77
C ARG A 80 -11.77 -0.86 10.58
N PHE A 81 -10.71 -0.19 10.12
CA PHE A 81 -10.79 1.25 9.95
C PHE A 81 -10.58 1.69 8.51
N SER A 82 -10.55 0.72 7.60
CA SER A 82 -10.38 1.05 6.21
C SER A 82 -11.68 1.72 5.80
N ARG A 83 -11.60 2.93 5.26
CA ARG A 83 -12.80 3.64 4.84
C ARG A 83 -13.04 3.47 3.33
N PHE A 84 -11.97 3.17 2.58
CA PHE A 84 -12.06 2.97 1.14
C PHE A 84 -11.71 1.53 0.81
N LYS A 85 -12.74 0.69 0.75
CA LYS A 85 -12.55 -0.74 0.49
C LYS A 85 -12.10 -1.16 -0.91
N ASN A 86 -12.14 -0.26 -1.87
CA ASN A 86 -11.73 -0.64 -3.22
C ASN A 86 -10.33 -0.15 -3.59
N ARG A 87 -9.55 -1.01 -4.24
CA ARG A 87 -8.19 -0.63 -4.63
C ARG A 87 -8.15 0.68 -5.42
N GLU A 88 -8.91 0.74 -6.52
CA GLU A 88 -8.96 1.92 -7.37
C GLU A 88 -9.41 3.16 -6.60
N THR A 89 -10.43 2.99 -5.76
CA THR A 89 -10.95 4.08 -4.96
C THR A 89 -9.79 4.70 -4.19
N ILE A 90 -9.05 3.84 -3.49
CA ILE A 90 -7.91 4.24 -2.70
C ILE A 90 -7.00 5.15 -3.49
N ALA A 91 -6.72 4.76 -4.72
CA ALA A 91 -5.84 5.55 -5.57
C ALA A 91 -6.44 6.92 -5.82
N SER A 92 -7.74 6.98 -6.05
CA SER A 92 -8.37 8.27 -6.32
C SER A 92 -8.26 9.18 -5.10
N VAL A 93 -8.44 8.63 -3.91
CA VAL A 93 -8.31 9.43 -2.70
C VAL A 93 -6.91 9.99 -2.63
N ARG A 94 -5.91 9.11 -2.77
CA ARG A 94 -4.50 9.48 -2.75
C ARG A 94 -4.17 10.60 -3.72
N SER A 95 -4.53 10.41 -4.98
CA SER A 95 -4.27 11.42 -6.01
C SER A 95 -5.00 12.73 -5.75
N LEU A 96 -6.28 12.63 -5.40
CA LEU A 96 -7.09 13.80 -5.12
C LEU A 96 -6.33 14.74 -4.17
N LEU A 97 -5.96 14.22 -3.00
CA LEU A 97 -5.23 14.98 -1.99
C LEU A 97 -3.81 15.30 -2.44
N LEU A 98 -3.22 14.34 -3.12
CA LEU A 98 -1.86 14.45 -3.62
C LEU A 98 -1.60 15.80 -4.25
N GLN A 99 -2.52 16.26 -5.08
CA GLN A 99 -2.38 17.53 -5.77
C GLN A 99 -2.77 18.74 -4.94
N LYS A 100 -2.63 18.63 -3.62
CA LYS A 100 -2.97 19.74 -2.76
C LYS A 100 -1.78 19.94 -1.84
N LYS A 101 -1.39 21.20 -1.61
CA LYS A 101 -0.24 21.52 -0.76
C LYS A 101 -0.39 20.92 0.63
N LEU A 102 -0.19 19.60 0.71
CA LEU A 102 -0.30 18.85 1.95
C LEU A 102 0.94 18.02 2.25
N HIS A 103 1.22 17.85 3.53
CA HIS A 103 2.36 17.06 3.97
C HIS A 103 1.98 15.58 4.01
N LYS A 104 2.92 14.72 3.62
CA LYS A 104 2.70 13.28 3.63
C LYS A 104 1.90 12.85 4.86
N PHE A 105 2.23 13.43 6.01
CA PHE A 105 1.53 13.11 7.25
C PHE A 105 0.07 13.59 7.18
N GLU A 106 -0.10 14.87 6.84
CA GLU A 106 -1.40 15.51 6.71
C GLU A 106 -2.33 14.79 5.73
N LEU A 107 -1.76 14.35 4.60
CA LEU A 107 -2.54 13.63 3.61
C LEU A 107 -3.11 12.35 4.23
N ALA A 108 -2.22 11.47 4.67
CA ALA A 108 -2.61 10.19 5.27
C ALA A 108 -3.57 10.37 6.44
N CYS A 109 -3.37 11.46 7.16
CA CYS A 109 -4.19 11.70 8.32
C CYS A 109 -5.59 12.10 7.94
N LEU A 110 -5.73 12.87 6.87
CA LEU A 110 -7.05 13.29 6.41
C LEU A 110 -7.83 12.10 5.87
N ALA A 111 -7.13 11.20 5.20
CA ALA A 111 -7.76 10.03 4.63
C ALA A 111 -8.20 9.05 5.70
N ASN A 112 -7.38 8.90 6.73
CA ASN A 112 -7.71 7.97 7.82
C ASN A 112 -8.82 8.49 8.73
N LEU A 113 -8.71 9.74 9.15
CA LEU A 113 -9.69 10.32 10.06
C LEU A 113 -10.96 10.90 9.44
N CYS A 114 -10.90 11.20 8.15
CA CYS A 114 -12.04 11.76 7.44
C CYS A 114 -12.88 12.77 8.22
N PRO A 115 -12.27 13.87 8.68
CA PRO A 115 -13.11 14.81 9.42
C PRO A 115 -14.17 15.32 8.44
N GLU A 116 -15.26 15.88 8.95
CA GLU A 116 -16.30 16.32 8.05
C GLU A 116 -16.41 17.83 7.84
N THR A 117 -15.85 18.61 8.75
CA THR A 117 -15.92 20.04 8.62
C THR A 117 -14.54 20.63 8.77
N ALA A 118 -14.32 21.76 8.12
CA ALA A 118 -13.02 22.41 8.21
C ALA A 118 -12.64 22.67 9.65
N GLU A 119 -13.58 23.14 10.45
CA GLU A 119 -13.26 23.43 11.85
C GLU A 119 -12.65 22.18 12.47
N GLU A 120 -13.44 21.12 12.49
CA GLU A 120 -13.00 19.85 13.03
C GLU A 120 -11.63 19.53 12.44
N SER A 121 -11.58 19.62 11.13
CA SER A 121 -10.38 19.36 10.36
C SER A 121 -9.16 20.06 10.96
N LYS A 122 -9.25 21.38 11.15
CA LYS A 122 -8.16 22.16 11.72
C LYS A 122 -7.84 21.72 13.14
N ALA A 123 -8.88 21.41 13.90
CA ALA A 123 -8.70 20.96 15.29
C ALA A 123 -7.84 19.72 15.36
N LEU A 124 -8.24 18.70 14.59
CA LEU A 124 -7.52 17.43 14.59
C LEU A 124 -6.10 17.55 13.99
N ILE A 125 -5.99 18.32 12.91
CA ILE A 125 -4.70 18.51 12.26
C ILE A 125 -4.35 20.00 12.23
N PRO A 126 -4.01 20.56 13.41
CA PRO A 126 -3.65 21.98 13.52
C PRO A 126 -2.65 22.49 12.50
N SER A 127 -1.78 21.62 12.00
CA SER A 127 -0.81 22.06 11.00
C SER A 127 -1.52 22.60 9.76
N LEU A 128 -2.77 22.20 9.57
CA LEU A 128 -3.54 22.64 8.42
C LEU A 128 -3.94 24.10 8.50
N GLU A 129 -3.85 24.67 9.69
CA GLU A 129 -4.22 26.06 9.87
C GLU A 129 -3.52 26.97 8.87
N GLY A 130 -4.30 27.86 8.24
CA GLY A 130 -3.73 28.80 7.29
C GLY A 130 -3.29 28.26 5.94
N ARG A 131 -3.52 26.99 5.67
CA ARG A 131 -3.11 26.45 4.38
C ARG A 131 -4.14 26.78 3.33
N PHE A 132 -5.42 26.67 3.68
CA PHE A 132 -6.49 26.97 2.73
C PHE A 132 -7.67 27.72 3.37
N GLU A 133 -8.50 28.28 2.50
CA GLU A 133 -9.70 28.99 2.93
C GLU A 133 -10.65 27.90 3.42
N ASP A 134 -11.36 28.16 4.51
CA ASP A 134 -12.29 27.17 5.02
C ASP A 134 -13.04 26.55 3.85
N GLU A 135 -13.50 27.41 2.95
CA GLU A 135 -14.24 27.00 1.76
C GLU A 135 -13.52 25.87 1.01
N GLU A 136 -12.25 26.10 0.70
CA GLU A 136 -11.47 25.11 -0.03
C GLU A 136 -11.28 23.85 0.80
N LEU A 137 -10.89 24.03 2.07
CA LEU A 137 -10.65 22.90 2.94
C LEU A 137 -11.91 22.04 3.04
N GLN A 138 -13.08 22.68 3.06
CA GLN A 138 -14.33 21.94 3.17
C GLN A 138 -14.59 21.18 1.88
N GLN A 139 -14.02 21.64 0.78
CA GLN A 139 -14.19 20.98 -0.52
C GLN A 139 -13.45 19.67 -0.48
N ILE A 140 -12.22 19.73 0.01
CA ILE A 140 -11.38 18.54 0.11
C ILE A 140 -12.01 17.51 1.02
N LEU A 141 -12.50 17.97 2.16
CA LEU A 141 -13.14 17.07 3.09
C LEU A 141 -14.33 16.40 2.41
N ASP A 142 -15.19 17.21 1.77
CA ASP A 142 -16.38 16.69 1.09
C ASP A 142 -16.01 15.70 -0.01
N ASP A 143 -14.94 15.96 -0.75
CA ASP A 143 -14.56 15.04 -1.81
C ASP A 143 -14.18 13.71 -1.21
N ILE A 144 -13.38 13.74 -0.15
CA ILE A 144 -12.97 12.53 0.51
C ILE A 144 -14.23 11.73 0.84
N GLN A 145 -15.18 12.36 1.55
CA GLN A 145 -16.42 11.69 1.92
C GLN A 145 -17.05 10.97 0.72
N THR A 146 -17.00 11.59 -0.45
CA THR A 146 -17.55 10.99 -1.66
C THR A 146 -16.91 9.66 -2.03
N LYS A 147 -15.60 9.55 -1.83
CA LYS A 147 -14.89 8.31 -2.14
C LYS A 147 -15.15 7.26 -1.07
N ARG A 148 -15.50 7.72 0.13
CA ARG A 148 -15.79 6.79 1.22
C ARG A 148 -16.67 5.68 0.70
N SER A 149 -16.30 4.44 0.98
CA SER A 149 -17.09 3.32 0.54
C SER A 149 -17.94 2.92 1.72
N PHE A 150 -18.92 3.77 2.04
CA PHE A 150 -19.86 3.55 3.14
C PHE A 150 -20.35 2.13 3.25
N GLN A 151 -21.03 1.85 4.35
CA GLN A 151 -21.59 0.53 4.60
C GLN A 151 -22.85 0.64 5.47
N TYR A 152 -23.85 1.22 4.99
N MET B 1 1.15 6.48 13.11
CA MET B 1 1.12 6.67 11.64
C MET B 1 1.82 5.51 10.94
N PHE B 2 1.33 5.11 9.77
CA PHE B 2 1.97 4.02 9.04
C PHE B 2 2.87 4.56 7.94
N TYR B 3 4.04 3.96 7.81
CA TYR B 3 5.00 4.37 6.79
C TYR B 3 5.50 3.19 6.01
N HIS B 4 6.00 3.49 4.83
CA HIS B 4 6.57 2.51 3.92
C HIS B 4 7.97 3.09 3.80
N ILE B 5 8.95 2.41 4.38
CA ILE B 5 10.30 2.93 4.32
C ILE B 5 11.33 1.88 3.95
N SER B 6 12.56 2.33 3.75
CA SER B 6 13.64 1.44 3.41
C SER B 6 14.49 1.26 4.65
N LEU B 7 14.75 0.00 4.99
CA LEU B 7 15.55 -0.34 6.16
C LEU B 7 16.69 -1.24 5.75
N GLU B 8 17.61 -1.43 6.67
CA GLU B 8 18.77 -2.27 6.42
C GLU B 8 18.75 -3.33 7.47
N HIS B 9 19.48 -4.39 7.21
CA HIS B 9 19.62 -5.49 8.15
C HIS B 9 20.69 -6.41 7.62
N GLU B 10 21.52 -6.94 8.52
CA GLU B 10 22.58 -7.84 8.10
C GLU B 10 22.23 -9.26 8.46
N ILE B 11 22.47 -10.18 7.53
CA ILE B 11 22.18 -11.58 7.74
C ILE B 11 23.50 -12.28 7.77
N LEU B 12 23.77 -12.99 8.86
CA LEU B 12 25.03 -13.70 9.01
C LEU B 12 24.75 -15.19 8.77
N LEU B 13 25.58 -15.83 7.96
CA LEU B 13 25.38 -17.26 7.64
C LEU B 13 26.67 -18.01 7.37
N HIS B 14 26.87 -19.15 8.04
CA HIS B 14 28.03 -19.98 7.78
C HIS B 14 27.67 -20.77 6.53
N PRO B 15 28.65 -21.10 5.68
CA PRO B 15 28.39 -21.87 4.46
C PRO B 15 27.44 -23.03 4.66
N ARG B 16 27.68 -23.82 5.70
CA ARG B 16 26.85 -24.99 6.00
C ARG B 16 25.34 -24.74 5.93
N TYR B 17 24.90 -23.50 6.10
CA TYR B 17 23.46 -23.22 6.08
C TYR B 17 22.95 -22.35 4.91
N PHE B 18 23.64 -22.41 3.78
CA PHE B 18 23.21 -21.63 2.62
C PHE B 18 21.94 -22.22 1.99
N GLY B 19 21.64 -23.47 2.32
CA GLY B 19 20.45 -24.10 1.75
C GLY B 19 20.58 -24.26 0.24
N PRO B 20 19.71 -25.07 -0.39
CA PRO B 20 19.76 -25.27 -1.83
C PRO B 20 19.85 -23.97 -2.62
N ASN B 21 19.18 -22.92 -2.14
CA ASN B 21 19.25 -21.63 -2.81
C ASN B 21 19.48 -20.52 -1.79
N LEU B 22 20.70 -19.98 -1.79
CA LEU B 22 21.11 -18.94 -0.87
C LEU B 22 20.16 -17.74 -0.79
N LEU B 23 19.98 -17.09 -1.93
CA LEU B 23 19.12 -15.93 -2.00
C LEU B 23 17.81 -16.14 -1.26
N ASN B 24 17.24 -17.33 -1.40
CA ASN B 24 15.99 -17.63 -0.73
C ASN B 24 16.24 -17.67 0.78
N THR B 25 17.31 -18.35 1.19
CA THR B 25 17.64 -18.46 2.61
C THR B 25 17.79 -17.07 3.20
N VAL B 26 18.66 -16.26 2.59
CA VAL B 26 18.86 -14.91 3.08
C VAL B 26 17.50 -14.27 3.25
N LYS B 27 16.67 -14.38 2.21
CA LYS B 27 15.33 -13.79 2.22
C LYS B 27 14.44 -14.34 3.32
N GLN B 28 14.49 -15.66 3.53
CA GLN B 28 13.66 -16.26 4.57
C GLN B 28 14.16 -15.87 5.95
N LYS B 29 15.48 -15.71 6.08
CA LYS B 29 16.05 -15.35 7.38
C LYS B 29 15.67 -13.91 7.70
N LEU B 30 15.68 -13.05 6.68
CA LEU B 30 15.34 -11.65 6.87
C LEU B 30 13.91 -11.48 7.40
N PHE B 31 12.96 -12.09 6.71
CA PHE B 31 11.58 -11.99 7.11
C PHE B 31 11.41 -12.38 8.56
N THR B 32 12.12 -13.42 8.96
CA THR B 32 12.03 -13.94 10.32
C THR B 32 12.66 -13.08 11.39
N GLU B 33 13.71 -12.35 11.04
CA GLU B 33 14.39 -11.55 12.04
C GLU B 33 13.83 -10.18 12.24
N VAL B 34 13.28 -9.58 11.18
CA VAL B 34 12.74 -8.23 11.27
C VAL B 34 11.24 -8.11 11.48
N GLU B 35 10.45 -8.95 10.79
CA GLU B 35 9.00 -8.87 10.91
C GLU B 35 8.55 -9.13 12.34
N GLY B 36 7.74 -8.22 12.90
CA GLY B 36 7.24 -8.38 14.25
C GLY B 36 8.07 -7.63 15.28
N THR B 37 9.26 -7.22 14.87
CA THR B 37 10.15 -6.48 15.76
C THR B 37 9.70 -5.04 15.89
N CYS B 38 10.26 -4.35 16.86
CA CYS B 38 9.93 -2.94 17.08
C CYS B 38 11.16 -2.23 17.62
N THR B 39 11.28 -0.96 17.29
CA THR B 39 12.40 -0.15 17.73
C THR B 39 11.83 1.21 18.08
N GLY B 40 12.58 1.99 18.85
CA GLY B 40 12.11 3.31 19.19
C GLY B 40 12.30 4.19 17.98
N LYS B 41 13.37 3.91 17.24
CA LYS B 41 13.72 4.68 16.06
C LYS B 41 12.75 4.55 14.90
N TYR B 42 12.38 3.32 14.53
CA TYR B 42 11.45 3.15 13.42
C TYR B 42 10.09 2.61 13.85
N GLY B 43 10.02 2.05 15.05
CA GLY B 43 8.76 1.53 15.53
C GLY B 43 8.49 0.08 15.15
N PHE B 44 7.21 -0.24 15.03
CA PHE B 44 6.82 -1.60 14.68
C PHE B 44 7.02 -1.95 13.23
N VAL B 45 7.80 -2.99 12.98
CA VAL B 45 8.03 -3.45 11.63
C VAL B 45 6.84 -4.37 11.38
N ILE B 46 5.83 -3.89 10.65
CA ILE B 46 4.66 -4.71 10.40
C ILE B 46 4.90 -5.85 9.45
N ALA B 47 5.59 -5.57 8.36
CA ALA B 47 5.88 -6.61 7.38
C ALA B 47 6.86 -6.13 6.32
N VAL B 48 7.62 -7.07 5.78
CA VAL B 48 8.59 -6.77 4.74
C VAL B 48 7.85 -6.75 3.40
N THR B 49 7.86 -5.60 2.76
CA THR B 49 7.21 -5.42 1.48
C THR B 49 8.03 -6.01 0.35
N THR B 50 9.29 -5.57 0.25
CA THR B 50 10.19 -6.02 -0.80
C THR B 50 11.66 -6.04 -0.39
N ILE B 51 12.42 -6.91 -1.02
CA ILE B 51 13.85 -6.97 -0.78
C ILE B 51 14.44 -6.28 -2.00
N ASP B 52 14.96 -5.07 -1.81
CA ASP B 52 15.54 -4.30 -2.91
C ASP B 52 16.82 -4.93 -3.40
N ASN B 53 17.77 -5.07 -2.49
CA ASN B 53 19.07 -5.61 -2.87
C ASN B 53 19.83 -6.41 -1.81
N ILE B 54 20.50 -7.47 -2.26
CA ILE B 54 21.31 -8.29 -1.37
C ILE B 54 22.76 -7.98 -1.78
N GLY B 55 23.46 -7.25 -0.91
CA GLY B 55 24.83 -6.87 -1.20
C GLY B 55 25.73 -8.08 -1.34
N ALA B 56 26.92 -7.84 -1.87
CA ALA B 56 27.87 -8.93 -2.04
C ALA B 56 28.25 -9.41 -0.67
N GLY B 57 28.21 -10.71 -0.47
CA GLY B 57 28.59 -11.27 0.82
C GLY B 57 29.94 -10.77 1.30
N VAL B 58 30.04 -10.41 2.57
CA VAL B 58 31.30 -9.94 3.12
C VAL B 58 32.03 -11.06 3.84
N ILE B 59 33.29 -11.25 3.47
CA ILE B 59 34.12 -12.26 4.09
C ILE B 59 35.29 -11.52 4.71
N GLN B 60 35.30 -11.43 6.04
CA GLN B 60 36.39 -10.75 6.75
C GLN B 60 37.15 -11.83 7.52
N PRO B 61 38.39 -12.16 7.09
CA PRO B 61 39.14 -13.19 7.82
C PRO B 61 38.92 -12.99 9.33
N GLY B 62 38.62 -14.08 10.01
CA GLY B 62 38.32 -14.01 11.43
C GLY B 62 36.95 -14.62 11.62
N ARG B 63 35.97 -14.19 10.81
CA ARG B 63 34.63 -14.75 10.89
C ARG B 63 34.60 -15.98 10.00
N GLY B 64 33.80 -16.96 10.39
CA GLY B 64 33.70 -18.18 9.62
C GLY B 64 32.39 -18.20 8.88
N PHE B 65 31.59 -17.17 9.10
CA PHE B 65 30.29 -17.03 8.46
C PHE B 65 30.41 -15.81 7.58
N VAL B 66 29.52 -15.67 6.61
CA VAL B 66 29.54 -14.51 5.74
C VAL B 66 28.37 -13.60 6.07
N LEU B 67 28.63 -12.29 6.03
CA LEU B 67 27.66 -11.25 6.34
C LEU B 67 27.05 -10.67 5.08
N TYR B 68 25.74 -10.88 4.89
CA TYR B 68 25.03 -10.38 3.71
C TYR B 68 24.18 -9.16 4.00
N PRO B 69 24.64 -7.96 3.63
CA PRO B 69 23.85 -6.76 3.88
C PRO B 69 22.59 -6.79 3.03
N VAL B 70 21.47 -6.36 3.59
CA VAL B 70 20.22 -6.39 2.86
C VAL B 70 19.43 -5.11 3.00
N LYS B 71 18.99 -4.55 1.86
CA LYS B 71 18.17 -3.33 1.86
C LYS B 71 16.76 -3.78 1.51
N TYR B 72 15.79 -3.37 2.32
CA TYR B 72 14.40 -3.77 2.10
C TYR B 72 13.38 -2.70 2.39
N LYS B 73 12.20 -2.87 1.80
CA LYS B 73 11.09 -1.94 1.99
C LYS B 73 10.17 -2.61 3.00
N ALA B 74 9.72 -1.85 3.98
CA ALA B 74 8.84 -2.40 5.00
C ALA B 74 7.73 -1.44 5.39
N ILE B 75 6.69 -2.00 6.00
CA ILE B 75 5.59 -1.19 6.48
C ILE B 75 5.82 -1.10 7.98
N VAL B 76 5.97 0.12 8.49
CA VAL B 76 6.20 0.29 9.91
C VAL B 76 5.15 1.19 10.52
N PHE B 77 4.93 1.03 11.82
CA PHE B 77 4.00 1.86 12.56
C PHE B 77 4.76 2.62 13.63
N ARG B 78 4.83 3.93 13.48
CA ARG B 78 5.57 4.80 14.39
C ARG B 78 4.69 5.94 14.87
N PRO B 79 4.19 5.84 16.10
CA PRO B 79 3.33 6.91 16.61
C PRO B 79 4.18 8.12 17.02
N PHE B 80 3.57 9.29 17.07
CA PHE B 80 4.26 10.51 17.46
C PHE B 80 3.37 11.32 18.39
N LYS B 81 4.01 12.08 19.25
CA LYS B 81 3.30 12.95 20.17
C LYS B 81 2.62 13.99 19.29
N GLY B 82 1.33 14.23 19.55
CA GLY B 82 0.57 15.22 18.78
C GLY B 82 -0.30 14.65 17.67
N GLU B 83 -0.10 13.37 17.36
CA GLU B 83 -0.85 12.69 16.31
C GLU B 83 -2.20 12.20 16.81
N VAL B 84 -3.22 12.37 15.96
CA VAL B 84 -4.56 11.92 16.30
C VAL B 84 -4.80 10.62 15.55
N VAL B 85 -5.28 9.61 16.29
CA VAL B 85 -5.54 8.27 15.76
C VAL B 85 -6.83 7.68 16.30
N ASP B 86 -7.42 6.76 15.54
CA ASP B 86 -8.63 6.09 16.01
C ASP B 86 -8.13 4.86 16.74
N ALA B 87 -8.69 4.58 17.90
CA ALA B 87 -8.26 3.42 18.66
C ALA B 87 -9.44 2.53 19.01
N VAL B 88 -9.15 1.33 19.47
CA VAL B 88 -10.19 0.41 19.90
C VAL B 88 -10.03 0.26 21.41
N VAL B 89 -11.12 0.47 22.14
CA VAL B 89 -11.08 0.35 23.59
C VAL B 89 -11.05 -1.14 23.96
N THR B 90 -10.10 -1.53 24.80
CA THR B 90 -10.00 -2.92 25.19
C THR B 90 -10.50 -3.09 26.61
N GLN B 91 -10.43 -2.04 27.41
CA GLN B 91 -10.91 -2.16 28.78
C GLN B 91 -11.26 -0.87 29.47
N VAL B 92 -12.38 -0.87 30.21
CA VAL B 92 -12.81 0.28 30.99
C VAL B 92 -12.48 -0.01 32.45
N ASN B 93 -11.81 0.95 33.07
CA ASN B 93 -11.33 0.80 34.44
C ASN B 93 -11.50 2.11 35.18
N LYS B 94 -11.47 2.08 36.50
CA LYS B 94 -11.63 3.32 37.25
C LYS B 94 -10.37 4.17 37.13
N VAL B 95 -9.33 3.61 36.53
CA VAL B 95 -8.07 4.32 36.38
C VAL B 95 -7.96 5.03 35.05
N GLY B 96 -8.76 4.58 34.08
CA GLY B 96 -8.72 5.19 32.77
C GLY B 96 -9.23 4.27 31.67
N LEU B 97 -8.75 4.51 30.47
CA LEU B 97 -9.17 3.73 29.31
C LEU B 97 -7.97 3.03 28.67
N PHE B 98 -8.05 1.70 28.57
CA PHE B 98 -7.00 0.94 27.92
C PHE B 98 -7.48 0.66 26.51
N THR B 99 -6.74 1.16 25.53
CA THR B 99 -7.08 1.00 24.13
C THR B 99 -5.93 0.34 23.38
N GLU B 100 -6.17 0.13 22.09
CA GLU B 100 -5.19 -0.51 21.23
C GLU B 100 -5.29 0.04 19.82
N ILE B 101 -4.16 0.47 19.30
CA ILE B 101 -4.05 1.02 17.97
C ILE B 101 -3.17 0.06 17.21
N GLY B 102 -3.81 -0.82 16.45
CA GLY B 102 -3.03 -1.80 15.71
C GLY B 102 -2.24 -2.64 16.70
N PRO B 103 -0.90 -2.64 16.59
CA PRO B 103 -0.09 -3.43 17.50
C PRO B 103 0.36 -2.71 18.76
N MET B 104 0.09 -1.41 18.82
CA MET B 104 0.51 -0.62 19.95
C MET B 104 -0.59 -0.32 20.93
N SER B 105 -0.29 -0.46 22.21
CA SER B 105 -1.26 -0.18 23.25
C SER B 105 -1.17 1.31 23.58
N CYS B 106 -2.28 1.87 24.02
CA CYS B 106 -2.33 3.28 24.38
C CYS B 106 -3.24 3.47 25.57
N PHE B 107 -2.73 4.14 26.60
CA PHE B 107 -3.50 4.36 27.81
C PHE B 107 -3.99 5.81 27.98
N ILE B 108 -5.30 5.93 28.23
CA ILE B 108 -5.91 7.23 28.43
C ILE B 108 -6.20 7.34 29.92
N SER B 109 -5.41 8.19 30.59
CA SER B 109 -5.57 8.39 32.02
C SER B 109 -6.96 8.96 32.31
N ARG B 110 -7.58 8.49 33.37
CA ARG B 110 -8.89 9.01 33.69
C ARG B 110 -8.71 10.52 33.81
N HIS B 111 -7.56 10.93 34.33
CA HIS B 111 -7.26 12.35 34.49
C HIS B 111 -7.26 13.10 33.15
N SER B 112 -7.17 12.36 32.05
CA SER B 112 -7.15 12.96 30.72
C SER B 112 -8.48 12.79 29.99
N ILE B 113 -9.51 12.49 30.76
CA ILE B 113 -10.84 12.32 30.20
C ILE B 113 -11.70 13.50 30.64
N PRO B 114 -12.44 14.11 29.71
CA PRO B 114 -13.28 15.25 30.10
C PRO B 114 -14.15 14.87 31.31
N SER B 115 -14.46 15.86 32.14
CA SER B 115 -15.24 15.61 33.34
C SER B 115 -16.70 15.18 33.16
N GLU B 116 -17.28 15.42 31.99
CA GLU B 116 -18.67 15.02 31.74
C GLU B 116 -18.84 13.50 31.69
N MET B 117 -17.72 12.80 31.50
CA MET B 117 -17.73 11.36 31.40
C MET B 117 -17.48 10.70 32.75
N GLU B 118 -18.50 10.60 33.58
CA GLU B 118 -18.34 9.97 34.87
C GLU B 118 -18.09 8.48 34.66
N PHE B 119 -17.35 7.86 35.58
CA PHE B 119 -17.08 6.43 35.48
C PHE B 119 -18.24 5.67 36.12
N ASP B 120 -18.62 4.55 35.51
CA ASP B 120 -19.71 3.76 36.05
C ASP B 120 -19.31 2.29 36.13
N PRO B 121 -18.90 1.86 37.32
CA PRO B 121 -18.49 0.47 37.58
C PRO B 121 -19.68 -0.45 37.55
N ASN B 122 -20.79 0.06 38.08
CA ASN B 122 -22.05 -0.68 38.17
C ASN B 122 -22.72 -0.93 36.84
N SER B 123 -22.34 -0.18 35.81
CA SER B 123 -22.92 -0.37 34.48
C SER B 123 -22.69 -1.81 34.05
N ASN B 124 -23.57 -2.34 33.19
CA ASN B 124 -23.42 -3.71 32.70
C ASN B 124 -21.95 -3.77 32.27
N PRO B 125 -21.63 -3.39 31.02
CA PRO B 125 -20.19 -3.51 30.84
C PRO B 125 -19.70 -2.19 31.44
N PRO B 126 -18.72 -2.22 32.36
CA PRO B 126 -18.27 -0.95 32.92
C PRO B 126 -18.08 0.07 31.80
N CYS B 127 -18.28 1.35 32.08
CA CYS B 127 -18.13 2.34 31.03
C CYS B 127 -17.95 3.75 31.56
N TYR B 128 -17.79 4.68 30.62
CA TYR B 128 -17.65 6.11 30.92
C TYR B 128 -18.81 6.75 30.14
N LYS B 129 -19.63 7.52 30.83
CA LYS B 129 -20.76 8.14 30.17
C LYS B 129 -21.02 9.53 30.70
N THR B 130 -21.83 10.27 29.95
CA THR B 130 -22.22 11.60 30.38
C THR B 130 -23.48 11.33 31.24
N MET B 131 -23.69 12.10 32.31
CA MET B 131 -24.85 11.87 33.18
C MET B 131 -26.11 11.78 32.32
N ASP B 132 -26.01 12.40 31.16
CA ASP B 132 -27.07 12.46 30.18
C ASP B 132 -27.25 11.12 29.45
N GLU B 133 -26.36 10.18 29.72
CA GLU B 133 -26.38 8.86 29.07
C GLU B 133 -26.27 9.08 27.55
N ASP B 134 -26.12 10.35 27.19
CA ASP B 134 -26.01 10.81 25.81
C ASP B 134 -24.87 10.14 25.04
N ILE B 135 -23.66 10.25 25.59
CA ILE B 135 -22.46 9.67 25.00
C ILE B 135 -21.92 8.55 25.90
N VAL B 136 -21.72 7.37 25.32
CA VAL B 136 -21.21 6.25 26.10
C VAL B 136 -20.03 5.51 25.47
N ILE B 137 -18.94 5.43 26.23
CA ILE B 137 -17.75 4.75 25.80
C ILE B 137 -17.61 3.48 26.63
N GLN B 138 -17.48 2.33 25.96
CA GLN B 138 -17.29 1.08 26.69
C GLN B 138 -16.38 0.18 25.88
N GLN B 139 -16.13 -1.02 26.40
CA GLN B 139 -15.26 -1.97 25.74
C GLN B 139 -15.69 -2.26 24.30
N ASP B 140 -14.71 -2.28 23.40
CA ASP B 140 -14.92 -2.55 21.98
C ASP B 140 -15.42 -1.34 21.17
N ASP B 141 -15.51 -0.19 21.81
CA ASP B 141 -15.94 1.01 21.08
C ASP B 141 -14.72 1.61 20.40
N GLU B 142 -14.96 2.29 19.28
CA GLU B 142 -13.89 2.94 18.55
C GLU B 142 -13.84 4.38 18.96
N ILE B 143 -12.71 4.83 19.50
CA ILE B 143 -12.63 6.23 19.92
C ILE B 143 -11.46 6.95 19.28
N ARG B 144 -11.54 8.27 19.25
CA ARG B 144 -10.49 9.11 18.67
C ARG B 144 -9.69 9.75 19.76
N LEU B 145 -8.38 9.53 19.73
CA LEU B 145 -7.52 10.08 20.75
C LEU B 145 -6.32 10.81 20.15
N LYS B 146 -5.73 11.66 20.98
CA LYS B 146 -4.56 12.43 20.63
C LYS B 146 -3.47 11.81 21.48
N ILE B 147 -2.38 11.39 20.87
CA ILE B 147 -1.27 10.79 21.62
C ILE B 147 -0.45 11.86 22.31
N VAL B 148 -0.37 11.74 23.63
CA VAL B 148 0.33 12.68 24.48
C VAL B 148 1.80 12.35 24.77
N GLY B 149 2.14 11.07 24.71
CA GLY B 149 3.50 10.65 24.96
C GLY B 149 3.70 9.22 24.51
N THR B 150 4.94 8.88 24.16
CA THR B 150 5.24 7.53 23.72
C THR B 150 6.38 7.03 24.58
N ARG B 151 6.50 5.72 24.65
CA ARG B 151 7.52 5.09 25.46
C ARG B 151 8.05 3.84 24.78
N VAL B 152 9.30 3.50 25.07
CA VAL B 152 9.89 2.30 24.52
C VAL B 152 10.53 1.49 25.66
N ASP B 153 9.90 0.37 26.00
CA ASP B 153 10.35 -0.52 27.07
C ASP B 153 10.58 -1.89 26.43
N LYS B 154 11.84 -2.26 26.30
CA LYS B 154 12.21 -3.54 25.70
C LYS B 154 11.79 -3.59 24.24
N ASN B 155 12.41 -2.71 23.46
CA ASN B 155 12.17 -2.64 22.01
C ASN B 155 10.69 -2.46 21.58
N ASP B 156 9.77 -2.51 22.53
CA ASP B 156 8.35 -2.39 22.22
C ASP B 156 7.85 -1.00 22.61
N ILE B 157 7.09 -0.35 21.72
CA ILE B 157 6.58 1.01 22.01
C ILE B 157 5.13 1.02 22.44
N PHE B 158 4.80 1.91 23.37
CA PHE B 158 3.42 2.04 23.82
C PHE B 158 3.18 3.51 24.02
N ALA B 159 1.92 3.93 24.04
CA ALA B 159 1.65 5.35 24.16
C ALA B 159 0.63 5.70 25.21
N ILE B 160 0.55 6.99 25.48
CA ILE B 160 -0.39 7.53 26.43
C ILE B 160 -1.21 8.55 25.68
N GLY B 161 -2.53 8.47 25.83
CA GLY B 161 -3.39 9.38 25.12
C GLY B 161 -4.27 10.24 25.99
N SER B 162 -4.98 11.13 25.33
CA SER B 162 -5.87 12.04 26.01
C SER B 162 -7.13 12.26 25.17
N LEU B 163 -8.23 12.57 25.85
CA LEU B 163 -9.50 12.81 25.19
C LEU B 163 -9.93 14.25 25.50
N MET B 164 -8.97 15.04 25.96
CA MET B 164 -9.23 16.42 26.34
C MET B 164 -9.55 17.42 25.25
N ASP B 165 -9.03 17.22 24.05
CA ASP B 165 -9.34 18.18 23.00
C ASP B 165 -10.68 18.00 22.33
N ASP B 166 -11.06 19.03 21.59
CA ASP B 166 -12.31 19.04 20.84
C ASP B 166 -12.23 18.01 19.74
N TYR B 167 -13.36 17.41 19.41
CA TYR B 167 -13.44 16.43 18.34
C TYR B 167 -12.72 15.12 18.62
N LEU B 168 -12.71 14.71 19.89
CA LEU B 168 -12.09 13.47 20.29
C LEU B 168 -13.15 12.65 21.03
N GLY B 169 -12.90 11.35 21.20
CA GLY B 169 -13.88 10.56 21.91
C GLY B 169 -14.62 9.55 21.07
N LEU B 170 -15.88 9.30 21.44
CA LEU B 170 -16.66 8.32 20.74
C LEU B 170 -16.73 8.59 19.25
N VAL B 171 -16.68 7.52 18.47
CA VAL B 171 -16.73 7.65 17.02
C VAL B 171 -17.99 7.04 16.44
N GLU C 24 -13.15 -15.42 -25.77
CA GLU C 24 -14.60 -15.73 -25.55
C GLU C 24 -15.50 -15.07 -26.59
N GLU C 25 -15.15 -13.85 -27.02
CA GLU C 25 -15.92 -13.13 -28.03
C GLU C 25 -15.20 -13.13 -29.38
N ASP C 26 -15.97 -12.96 -30.45
CA ASP C 26 -15.40 -12.96 -31.79
C ASP C 26 -16.41 -12.46 -32.82
N ALA C 27 -16.17 -11.26 -33.34
CA ALA C 27 -17.05 -10.62 -34.30
C ALA C 27 -17.20 -11.34 -35.61
N SER C 28 -16.20 -12.13 -35.97
CA SER C 28 -16.25 -12.86 -37.22
C SER C 28 -17.28 -13.96 -37.13
N GLN C 29 -17.87 -14.13 -35.95
CA GLN C 29 -18.90 -15.14 -35.75
C GLN C 29 -20.03 -14.52 -34.99
N LEU C 30 -20.07 -13.19 -35.02
CA LEU C 30 -21.11 -12.44 -34.35
C LEU C 30 -21.31 -12.86 -32.89
N ILE C 31 -20.21 -13.23 -32.24
CA ILE C 31 -20.22 -13.61 -30.83
C ILE C 31 -19.81 -12.38 -30.04
N PHE C 32 -20.77 -11.64 -29.50
CA PHE C 32 -20.48 -10.43 -28.73
C PHE C 32 -20.87 -10.53 -27.28
N PRO C 33 -20.26 -9.69 -26.42
CA PRO C 33 -20.59 -9.73 -25.00
C PRO C 33 -22.05 -9.32 -24.79
N LYS C 34 -22.59 -9.64 -23.63
CA LYS C 34 -23.98 -9.32 -23.32
C LYS C 34 -24.28 -7.83 -23.46
N GLU C 35 -23.50 -7.02 -22.75
CA GLU C 35 -23.67 -5.58 -22.76
C GLU C 35 -24.03 -5.05 -24.15
N PHE C 36 -23.32 -5.51 -25.18
CA PHE C 36 -23.58 -5.05 -26.53
C PHE C 36 -24.56 -5.95 -27.25
N GLU C 37 -25.81 -5.91 -26.82
CA GLU C 37 -26.84 -6.72 -27.45
C GLU C 37 -27.98 -5.77 -27.72
N THR C 38 -28.37 -5.07 -26.65
CA THR C 38 -29.45 -4.09 -26.67
C THR C 38 -28.95 -2.79 -27.30
N ALA C 39 -27.71 -2.84 -27.81
CA ALA C 39 -27.09 -1.67 -28.43
C ALA C 39 -27.32 -1.62 -29.94
N GLU C 40 -27.12 -0.43 -30.49
CA GLU C 40 -27.29 -0.21 -31.91
C GLU C 40 -25.96 0.30 -32.48
N THR C 41 -25.62 -0.14 -33.68
CA THR C 41 -24.37 0.26 -34.29
C THR C 41 -24.46 1.60 -34.98
N LEU C 42 -23.32 2.27 -35.12
CA LEU C 42 -23.26 3.58 -35.77
C LEU C 42 -22.22 3.63 -36.88
N LEU C 43 -22.59 4.18 -38.03
CA LEU C 43 -21.63 4.29 -39.12
C LEU C 43 -20.64 5.40 -38.74
N ASN C 44 -19.42 5.31 -39.23
CA ASN C 44 -18.43 6.33 -38.91
C ASN C 44 -19.01 7.70 -39.31
N SER C 45 -19.80 7.71 -40.37
CA SER C 45 -20.43 8.94 -40.86
C SER C 45 -21.42 9.48 -39.84
N GLU C 46 -22.24 8.61 -39.28
CA GLU C 46 -23.21 9.05 -38.29
C GLU C 46 -22.47 9.55 -37.06
N VAL C 47 -21.43 8.82 -36.66
CA VAL C 47 -20.64 9.19 -35.49
C VAL C 47 -20.14 10.60 -35.72
N HIS C 48 -19.58 10.83 -36.89
CA HIS C 48 -19.05 12.14 -37.25
C HIS C 48 -20.10 13.24 -37.10
N MET C 49 -21.29 12.99 -37.61
CA MET C 49 -22.35 13.98 -37.53
C MET C 49 -22.65 14.28 -36.08
N LEU C 50 -22.86 13.23 -35.29
CA LEU C 50 -23.17 13.39 -33.88
C LEU C 50 -22.10 14.16 -33.13
N LEU C 51 -20.83 13.80 -33.37
CA LEU C 51 -19.73 14.46 -32.69
C LEU C 51 -19.61 15.91 -33.13
N GLU C 52 -19.96 16.19 -34.37
CA GLU C 52 -19.88 17.54 -34.89
C GLU C 52 -20.86 18.43 -34.13
N HIS C 53 -22.02 17.88 -33.82
CA HIS C 53 -23.05 18.63 -33.09
C HIS C 53 -22.60 18.87 -31.64
N ARG C 54 -22.03 17.86 -31.02
CA ARG C 54 -21.56 17.99 -29.64
C ARG C 54 -20.51 19.09 -29.54
N LYS C 55 -19.72 19.25 -30.61
CA LYS C 55 -18.68 20.27 -30.64
C LYS C 55 -19.32 21.65 -30.69
N GLN C 56 -20.26 21.81 -31.61
CA GLN C 56 -20.97 23.07 -31.76
C GLN C 56 -21.54 23.51 -30.42
N GLN C 57 -22.00 22.55 -29.63
CA GLN C 57 -22.56 22.87 -28.32
C GLN C 57 -21.47 23.31 -27.34
N ASN C 58 -20.36 22.57 -27.30
CA ASN C 58 -19.26 22.90 -26.42
C ASN C 58 -18.69 24.28 -26.78
N GLU C 59 -18.56 24.53 -28.08
CA GLU C 59 -18.04 25.80 -28.58
C GLU C 59 -18.94 26.91 -28.05
N SER C 60 -20.16 26.98 -28.57
CA SER C 60 -21.10 27.98 -28.09
C SER C 60 -21.38 27.65 -26.63
N ALA C 61 -22.15 28.48 -25.94
CA ALA C 61 -22.47 28.25 -24.53
C ALA C 61 -21.19 27.94 -23.72
N GLU C 62 -20.49 29.01 -23.30
CA GLU C 62 -19.26 28.88 -22.53
C GLU C 62 -19.52 28.33 -21.13
N ASP C 63 -18.45 28.25 -20.33
CA ASP C 63 -18.53 27.73 -18.98
C ASP C 63 -18.53 26.20 -19.08
N GLU C 64 -17.74 25.70 -20.03
CA GLU C 64 -17.59 24.26 -20.27
C GLU C 64 -16.19 24.00 -20.85
N GLN C 65 -15.42 23.14 -20.18
CA GLN C 65 -14.06 22.79 -20.58
C GLN C 65 -13.94 22.26 -22.01
N GLU C 66 -12.77 22.46 -22.63
CA GLU C 66 -12.53 22.00 -23.99
C GLU C 66 -12.78 20.51 -24.01
N LEU C 67 -13.11 19.97 -25.16
CA LEU C 67 -13.40 18.54 -25.23
C LEU C 67 -12.16 17.67 -25.03
N SER C 68 -12.40 16.37 -24.82
CA SER C 68 -11.33 15.43 -24.58
C SER C 68 -10.52 15.03 -25.81
N GLU C 69 -9.35 14.45 -25.54
CA GLU C 69 -8.48 14.01 -26.60
C GLU C 69 -9.19 12.89 -27.33
N VAL C 70 -9.84 12.03 -26.55
CA VAL C 70 -10.59 10.91 -27.13
C VAL C 70 -11.59 11.44 -28.14
N PHE C 71 -12.28 12.50 -27.77
CA PHE C 71 -13.24 13.12 -28.68
C PHE C 71 -12.49 13.51 -29.96
N MET C 72 -11.65 14.52 -29.85
CA MET C 72 -10.84 15.01 -30.96
C MET C 72 -10.34 13.92 -31.90
N LYS C 73 -9.68 12.91 -31.37
CA LYS C 73 -9.17 11.83 -32.22
C LYS C 73 -10.31 11.13 -32.97
N THR C 74 -11.43 10.95 -32.30
CA THR C 74 -12.58 10.27 -32.90
C THR C 74 -13.23 11.17 -33.94
N LEU C 75 -13.21 12.47 -33.68
CA LEU C 75 -13.78 13.44 -34.60
C LEU C 75 -13.05 13.40 -35.92
N ASN C 76 -11.72 13.34 -35.86
CA ASN C 76 -10.88 13.33 -37.06
C ASN C 76 -10.89 11.99 -37.76
N TYR C 77 -10.80 10.93 -36.99
CA TYR C 77 -10.76 9.60 -37.58
C TYR C 77 -12.05 9.34 -38.32
N THR C 78 -13.13 9.65 -37.63
CA THR C 78 -14.46 9.45 -38.15
C THR C 78 -14.64 10.25 -39.45
N ALA C 79 -14.26 11.52 -39.43
CA ALA C 79 -14.38 12.36 -40.60
C ALA C 79 -13.58 11.75 -41.72
N ARG C 80 -12.30 11.56 -41.45
CA ARG C 80 -11.38 11.00 -42.40
C ARG C 80 -11.86 9.73 -43.08
N PHE C 81 -12.79 9.01 -42.46
CA PHE C 81 -13.26 7.78 -43.07
C PHE C 81 -14.75 7.79 -43.40
N SER C 82 -15.37 8.95 -43.26
CA SER C 82 -16.77 9.07 -43.58
C SER C 82 -16.85 8.94 -45.10
N ARG C 83 -17.65 7.99 -45.57
CA ARG C 83 -17.81 7.78 -47.01
C ARG C 83 -19.06 8.51 -47.54
N PHE C 84 -20.03 8.75 -46.66
CA PHE C 84 -21.26 9.42 -47.03
C PHE C 84 -21.34 10.75 -46.31
N LYS C 85 -20.85 11.80 -46.97
CA LYS C 85 -20.81 13.14 -46.36
C LYS C 85 -22.15 13.87 -46.17
N ASN C 86 -23.22 13.35 -46.74
CA ASN C 86 -24.50 14.03 -46.57
C ASN C 86 -25.44 13.37 -45.57
N ARG C 87 -26.09 14.16 -44.73
CA ARG C 87 -26.99 13.60 -43.73
C ARG C 87 -28.03 12.66 -44.34
N GLU C 88 -28.80 13.17 -45.30
CA GLU C 88 -29.83 12.38 -45.97
C GLU C 88 -29.25 11.12 -46.61
N THR C 89 -28.11 11.26 -47.27
CA THR C 89 -27.45 10.14 -47.92
C THR C 89 -27.28 9.02 -46.90
N ILE C 90 -26.70 9.40 -45.75
CA ILE C 90 -26.46 8.47 -44.65
C ILE C 90 -27.70 7.67 -44.33
N ALA C 91 -28.83 8.36 -44.27
CA ALA C 91 -30.09 7.69 -43.95
C ALA C 91 -30.44 6.68 -45.02
N SER C 92 -30.24 7.04 -46.28
CA SER C 92 -30.55 6.12 -47.37
C SER C 92 -29.68 4.85 -47.28
N VAL C 93 -28.41 5.01 -46.94
CA VAL C 93 -27.54 3.84 -46.82
C VAL C 93 -28.11 2.95 -45.73
N ARG C 94 -28.35 3.54 -44.56
CA ARG C 94 -28.89 2.84 -43.39
C ARG C 94 -30.15 2.05 -43.72
N SER C 95 -31.13 2.74 -44.30
CA SER C 95 -32.38 2.10 -44.66
C SER C 95 -32.21 1.01 -45.71
N LEU C 96 -31.45 1.33 -46.75
CA LEU C 96 -31.18 0.36 -47.81
C LEU C 96 -30.79 -1.00 -47.22
N LEU C 97 -29.73 -1.01 -46.41
CA LEU C 97 -29.23 -2.23 -45.77
C LEU C 97 -30.20 -2.74 -44.70
N LEU C 98 -30.79 -1.77 -44.01
CA LEU C 98 -31.72 -2.06 -42.93
C LEU C 98 -32.70 -3.15 -43.31
N GLN C 99 -33.25 -3.04 -44.51
CA GLN C 99 -34.23 -4.01 -44.99
C GLN C 99 -33.64 -5.29 -45.55
N LYS C 100 -32.47 -5.67 -45.07
CA LYS C 100 -31.84 -6.90 -45.54
C LYS C 100 -31.45 -7.66 -44.28
N LYS C 101 -31.65 -8.98 -44.30
CA LYS C 101 -31.35 -9.83 -43.16
C LYS C 101 -29.87 -9.70 -42.74
N LEU C 102 -29.56 -8.59 -42.10
CA LEU C 102 -28.21 -8.27 -41.64
C LEU C 102 -28.16 -7.95 -40.16
N HIS C 103 -27.05 -8.28 -39.52
CA HIS C 103 -26.86 -7.99 -38.10
C HIS C 103 -26.35 -6.56 -37.94
N LYS C 104 -26.83 -5.90 -36.89
CA LYS C 104 -26.42 -4.53 -36.59
C LYS C 104 -24.93 -4.34 -36.86
N PHE C 105 -24.13 -5.34 -36.48
CA PHE C 105 -22.69 -5.27 -36.69
C PHE C 105 -22.37 -5.31 -38.18
N GLU C 106 -22.93 -6.32 -38.87
CA GLU C 106 -22.73 -6.53 -40.29
C GLU C 106 -23.14 -5.32 -41.12
N LEU C 107 -24.24 -4.70 -40.73
CA LEU C 107 -24.72 -3.51 -41.43
C LEU C 107 -23.68 -2.40 -41.37
N ALA C 108 -23.35 -1.97 -40.16
CA ALA C 108 -22.39 -0.90 -39.93
C ALA C 108 -21.05 -1.21 -40.57
N CYS C 109 -20.70 -2.48 -40.56
CA CYS C 109 -19.43 -2.90 -41.11
C CYS C 109 -19.37 -2.78 -42.63
N LEU C 110 -20.48 -3.08 -43.29
CA LEU C 110 -20.55 -2.98 -44.73
C LEU C 110 -20.49 -1.51 -45.16
N ALA C 111 -21.19 -0.65 -44.42
CA ALA C 111 -21.21 0.76 -44.72
C ALA C 111 -19.84 1.40 -44.51
N ASN C 112 -19.15 1.00 -43.45
CA ASN C 112 -17.82 1.57 -43.16
C ASN C 112 -16.75 1.10 -44.13
N LEU C 113 -16.67 -0.22 -44.35
CA LEU C 113 -15.65 -0.78 -45.20
C LEU C 113 -15.94 -0.79 -46.69
N CYS C 114 -17.21 -0.67 -47.05
CA CYS C 114 -17.61 -0.65 -48.46
C CYS C 114 -16.83 -1.60 -49.37
N PRO C 115 -16.86 -2.91 -49.09
CA PRO C 115 -16.13 -3.80 -50.00
C PRO C 115 -16.77 -3.68 -51.37
N GLU C 116 -16.07 -4.07 -52.42
CA GLU C 116 -16.63 -3.91 -53.75
C GLU C 116 -17.11 -5.18 -54.42
N THR C 117 -16.66 -6.33 -53.94
CA THR C 117 -17.09 -7.58 -54.53
C THR C 117 -17.58 -8.51 -53.46
N ALA C 118 -18.52 -9.39 -53.80
CA ALA C 118 -19.05 -10.33 -52.83
C ALA C 118 -17.92 -11.15 -52.19
N GLU C 119 -16.98 -11.60 -53.01
CA GLU C 119 -15.88 -12.40 -52.48
C GLU C 119 -15.21 -11.63 -51.34
N GLU C 120 -14.68 -10.45 -51.68
CA GLU C 120 -14.03 -9.58 -50.71
C GLU C 120 -14.95 -9.45 -49.51
N SER C 121 -16.20 -9.11 -49.82
CA SER C 121 -17.26 -8.93 -48.83
C SER C 121 -17.27 -10.09 -47.83
N LYS C 122 -17.38 -11.32 -48.33
CA LYS C 122 -17.42 -12.50 -47.46
C LYS C 122 -16.14 -12.65 -46.66
N ALA C 123 -15.01 -12.35 -47.29
CA ALA C 123 -13.71 -12.45 -46.63
C ALA C 123 -13.64 -11.55 -45.40
N LEU C 124 -13.95 -10.28 -45.60
CA LEU C 124 -13.91 -9.30 -44.53
C LEU C 124 -14.95 -9.58 -43.45
N ILE C 125 -16.16 -9.95 -43.86
CA ILE C 125 -17.25 -10.23 -42.94
C ILE C 125 -17.73 -11.68 -43.14
N PRO C 126 -16.92 -12.65 -42.71
CA PRO C 126 -17.27 -14.07 -42.86
C PRO C 126 -18.67 -14.46 -42.39
N SER C 127 -19.22 -13.73 -41.43
CA SER C 127 -20.56 -14.05 -40.95
C SER C 127 -21.58 -13.94 -42.07
N LEU C 128 -21.22 -13.20 -43.13
CA LEU C 128 -22.12 -13.02 -44.26
C LEU C 128 -22.25 -14.28 -45.10
N GLU C 129 -21.32 -15.21 -44.92
CA GLU C 129 -21.36 -16.45 -45.69
C GLU C 129 -22.72 -17.11 -45.61
N GLY C 130 -23.23 -17.51 -46.77
CA GLY C 130 -24.51 -18.20 -46.84
C GLY C 130 -25.77 -17.39 -46.60
N ARG C 131 -25.64 -16.08 -46.42
CA ARG C 131 -26.83 -15.28 -46.18
C ARG C 131 -27.53 -14.96 -47.50
N PHE C 132 -26.73 -14.67 -48.53
CA PHE C 132 -27.31 -14.36 -49.84
C PHE C 132 -26.51 -14.95 -51.00
N GLU C 133 -27.14 -14.96 -52.17
CA GLU C 133 -26.49 -15.44 -53.39
C GLU C 133 -25.48 -14.37 -53.74
N ASP C 134 -24.30 -14.78 -54.22
CA ASP C 134 -23.28 -13.80 -54.60
C ASP C 134 -23.95 -12.66 -55.36
N GLU C 135 -24.83 -13.04 -56.30
CA GLU C 135 -25.56 -12.09 -57.12
C GLU C 135 -26.23 -11.00 -56.26
N GLU C 136 -26.99 -11.42 -55.26
CA GLU C 136 -27.69 -10.48 -54.40
C GLU C 136 -26.70 -9.66 -53.59
N LEU C 137 -25.73 -10.34 -52.98
CA LEU C 137 -24.73 -9.66 -52.17
C LEU C 137 -24.02 -8.59 -52.98
N GLN C 138 -23.76 -8.89 -54.25
CA GLN C 138 -23.08 -7.92 -55.12
C GLN C 138 -23.98 -6.73 -55.43
N GLN C 139 -25.29 -6.94 -55.33
CA GLN C 139 -26.27 -5.88 -55.57
C GLN C 139 -26.15 -4.87 -54.44
N ILE C 140 -26.14 -5.40 -53.21
CA ILE C 140 -26.06 -4.57 -52.02
C ILE C 140 -24.76 -3.78 -52.01
N LEU C 141 -23.67 -4.45 -52.34
CA LEU C 141 -22.40 -3.77 -52.38
C LEU C 141 -22.47 -2.64 -53.40
N ASP C 142 -22.91 -2.94 -54.61
CA ASP C 142 -23.02 -1.94 -55.67
C ASP C 142 -23.92 -0.77 -55.28
N ASP C 143 -25.03 -1.04 -54.58
CA ASP C 143 -25.90 0.05 -54.19
C ASP C 143 -25.17 0.98 -53.24
N ILE C 144 -24.49 0.38 -52.26
CA ILE C 144 -23.73 1.17 -51.30
C ILE C 144 -22.82 2.10 -52.08
N GLN C 145 -22.02 1.53 -52.97
CA GLN C 145 -21.10 2.34 -53.79
C GLN C 145 -21.82 3.56 -54.40
N THR C 146 -23.06 3.35 -54.85
CA THR C 146 -23.82 4.44 -55.46
C THR C 146 -24.05 5.62 -54.50
N LYS C 147 -24.27 5.32 -53.23
CA LYS C 147 -24.51 6.36 -52.25
C LYS C 147 -23.22 7.03 -51.83
N ARG C 148 -22.12 6.32 -52.00
CA ARG C 148 -20.80 6.86 -51.68
C ARG C 148 -20.73 8.28 -52.23
N SER C 149 -20.31 9.22 -51.40
CA SER C 149 -20.18 10.59 -51.84
C SER C 149 -18.71 10.78 -52.19
N PHE C 150 -18.30 10.16 -53.29
CA PHE C 150 -16.92 10.23 -53.79
C PHE C 150 -16.31 11.62 -53.72
N GLN C 151 -15.01 11.68 -53.96
CA GLN C 151 -14.28 12.93 -53.95
C GLN C 151 -13.10 12.88 -54.92
N TYR C 152 -13.34 12.79 -56.15
N MET D 1 -15.66 -1.06 -33.27
CA MET D 1 -17.04 -0.75 -33.74
C MET D 1 -17.64 0.34 -32.88
N PHE D 2 -18.42 1.23 -33.49
CA PHE D 2 -19.06 2.30 -32.72
C PHE D 2 -20.49 1.96 -32.36
N TYR D 3 -20.87 2.24 -31.12
CA TYR D 3 -22.22 1.96 -30.66
C TYR D 3 -22.83 3.17 -30.00
N HIS D 4 -24.15 3.14 -29.94
CA HIS D 4 -24.93 4.18 -29.30
C HIS D 4 -25.66 3.34 -28.27
N ILE D 5 -25.29 3.49 -27.01
CA ILE D 5 -25.93 2.70 -25.97
C ILE D 5 -26.38 3.52 -24.79
N SER D 6 -27.06 2.85 -23.87
CA SER D 6 -27.53 3.50 -22.66
C SER D 6 -26.65 3.05 -21.52
N LEU D 7 -26.13 4.01 -20.78
CA LEU D 7 -25.27 3.74 -19.65
C LEU D 7 -25.80 4.40 -18.40
N GLU D 8 -25.24 4.04 -17.26
CA GLU D 8 -25.66 4.59 -16.00
C GLU D 8 -24.46 5.22 -15.38
N HIS D 9 -24.69 6.08 -14.40
CA HIS D 9 -23.61 6.73 -13.69
C HIS D 9 -24.24 7.46 -12.53
N GLU D 10 -23.59 7.43 -11.37
CA GLU D 10 -24.12 8.12 -10.21
C GLU D 10 -23.32 9.39 -9.94
N ILE D 11 -24.03 10.48 -9.67
CA ILE D 11 -23.41 11.77 -9.39
C ILE D 11 -23.66 12.05 -7.92
N LEU D 12 -22.59 12.25 -7.17
CA LEU D 12 -22.72 12.53 -5.75
C LEU D 12 -22.50 14.03 -5.54
N LEU D 13 -23.36 14.67 -4.74
CA LEU D 13 -23.25 16.10 -4.53
C LEU D 13 -23.77 16.54 -3.17
N HIS D 14 -22.98 17.34 -2.44
CA HIS D 14 -23.41 17.86 -1.15
C HIS D 14 -24.23 19.09 -1.52
N PRO D 15 -25.25 19.42 -0.71
CA PRO D 15 -26.10 20.59 -0.98
C PRO D 15 -25.31 21.82 -1.40
N ARG D 16 -24.25 22.10 -0.67
CA ARG D 16 -23.41 23.26 -0.94
C ARG D 16 -23.04 23.46 -2.41
N TYR D 17 -23.03 22.38 -3.19
CA TYR D 17 -22.64 22.53 -4.59
C TYR D 17 -23.73 22.27 -5.64
N PHE D 18 -24.99 22.49 -5.29
CA PHE D 18 -26.07 22.30 -6.23
C PHE D 18 -26.07 23.35 -7.34
N GLY D 19 -25.40 24.47 -7.09
CA GLY D 19 -25.37 25.55 -8.07
C GLY D 19 -26.75 26.18 -8.28
N PRO D 20 -26.84 27.33 -8.96
CA PRO D 20 -28.14 27.96 -9.20
C PRO D 20 -29.18 27.02 -9.77
N ASN D 21 -28.75 26.08 -10.61
CA ASN D 21 -29.68 25.11 -11.16
C ASN D 21 -29.09 23.70 -11.09
N LEU D 22 -29.62 22.92 -10.15
CA LEU D 22 -29.18 21.55 -9.92
C LEU D 22 -29.06 20.68 -11.17
N LEU D 23 -30.20 20.51 -11.87
CA LEU D 23 -30.25 19.70 -13.07
C LEU D 23 -29.08 19.97 -13.99
N ASN D 24 -28.75 21.25 -14.12
CA ASN D 24 -27.63 21.63 -14.97
C ASN D 24 -26.34 21.11 -14.36
N THR D 25 -26.16 21.32 -13.06
CA THR D 25 -24.95 20.86 -12.39
C THR D 25 -24.79 19.35 -12.57
N VAL D 26 -25.82 18.59 -12.19
CA VAL D 26 -25.77 17.14 -12.35
C VAL D 26 -25.32 16.86 -13.79
N LYS D 27 -25.97 17.51 -14.75
CA LYS D 27 -25.65 17.31 -16.17
C LYS D 27 -24.21 17.69 -16.50
N GLN D 28 -23.73 18.82 -15.98
CA GLN D 28 -22.36 19.24 -16.26
C GLN D 28 -21.35 18.30 -15.59
N LYS D 29 -21.71 17.77 -14.43
CA LYS D 29 -20.80 16.87 -13.72
C LYS D 29 -20.71 15.54 -14.47
N LEU D 30 -21.84 15.09 -15.02
CA LEU D 30 -21.88 13.84 -15.76
C LEU D 30 -20.96 13.88 -16.97
N PHE D 31 -21.13 14.91 -17.80
CA PHE D 31 -20.32 15.03 -19.00
C PHE D 31 -18.84 14.96 -18.64
N THR D 32 -18.49 15.58 -17.52
CA THR D 32 -17.11 15.63 -17.12
C THR D 32 -16.54 14.33 -16.56
N GLU D 33 -17.39 13.53 -15.97
CA GLU D 33 -16.89 12.29 -15.38
C GLU D 33 -16.84 11.11 -16.31
N VAL D 34 -17.74 11.08 -17.29
CA VAL D 34 -17.81 9.95 -18.21
C VAL D 34 -17.15 10.15 -19.57
N GLU D 35 -17.31 11.34 -20.15
CA GLU D 35 -16.72 11.61 -21.46
C GLU D 35 -15.21 11.48 -21.41
N GLY D 36 -14.63 10.70 -22.33
CA GLY D 36 -13.19 10.52 -22.38
C GLY D 36 -12.72 9.28 -21.65
N THR D 37 -13.58 8.74 -20.80
CA THR D 37 -13.24 7.56 -20.03
C THR D 37 -13.31 6.32 -20.90
N CYS D 38 -12.79 5.22 -20.39
CA CYS D 38 -12.81 3.96 -21.12
C CYS D 38 -12.91 2.84 -20.12
N THR D 39 -13.52 1.74 -20.53
CA THR D 39 -13.70 0.57 -19.68
C THR D 39 -13.53 -0.63 -20.58
N GLY D 40 -13.25 -1.78 -19.98
CA GLY D 40 -13.09 -2.97 -20.80
C GLY D 40 -14.46 -3.41 -21.21
N LYS D 41 -15.43 -3.20 -20.33
CA LYS D 41 -16.81 -3.60 -20.54
C LYS D 41 -17.52 -2.85 -21.68
N TYR D 42 -17.42 -1.52 -21.71
CA TYR D 42 -18.08 -0.76 -22.76
C TYR D 42 -17.10 -0.06 -23.69
N GLY D 43 -15.84 0.05 -23.26
CA GLY D 43 -14.85 0.70 -24.09
C GLY D 43 -14.77 2.21 -23.94
N PHE D 44 -14.38 2.87 -25.02
CA PHE D 44 -14.24 4.31 -24.99
C PHE D 44 -15.57 5.07 -25.07
N VAL D 45 -15.82 5.90 -24.06
CA VAL D 45 -17.03 6.70 -24.03
C VAL D 45 -16.63 7.92 -24.83
N ILE D 46 -17.06 7.98 -26.09
CA ILE D 46 -16.70 9.10 -26.93
C ILE D 46 -17.36 10.38 -26.57
N ALA D 47 -18.66 10.32 -26.30
CA ALA D 47 -19.42 11.50 -25.94
C ALA D 47 -20.83 11.16 -25.47
N VAL D 48 -21.36 12.01 -24.60
CA VAL D 48 -22.71 11.83 -24.08
C VAL D 48 -23.68 12.43 -25.08
N THR D 49 -24.54 11.59 -25.62
CA THR D 49 -25.51 12.03 -26.60
C THR D 49 -26.69 12.72 -25.92
N THR D 50 -27.31 12.03 -24.97
CA THR D 50 -28.46 12.57 -24.26
C THR D 50 -28.58 12.06 -22.83
N ILE D 51 -29.21 12.88 -21.99
CA ILE D 51 -29.46 12.48 -20.63
C ILE D 51 -30.94 12.11 -20.63
N ASP D 52 -31.22 10.81 -20.53
CA ASP D 52 -32.60 10.32 -20.53
C ASP D 52 -33.34 10.72 -19.26
N ASN D 53 -32.79 10.33 -18.12
CA ASN D 53 -33.44 10.60 -16.86
C ASN D 53 -32.55 10.80 -15.64
N ILE D 54 -32.94 11.73 -14.77
CA ILE D 54 -32.20 11.98 -13.54
C ILE D 54 -33.13 11.46 -12.43
N GLY D 55 -32.75 10.35 -11.84
CA GLY D 55 -33.56 9.74 -10.80
C GLY D 55 -33.73 10.66 -9.62
N ALA D 56 -34.67 10.32 -8.75
CA ALA D 56 -34.89 11.12 -7.56
C ALA D 56 -33.65 10.98 -6.72
N GLY D 57 -33.16 12.11 -6.23
CA GLY D 57 -31.98 12.07 -5.39
C GLY D 57 -32.13 11.12 -4.22
N VAL D 58 -31.09 10.36 -3.95
CA VAL D 58 -31.13 9.43 -2.83
C VAL D 58 -30.45 10.01 -1.60
N ILE D 59 -31.17 10.00 -0.47
CA ILE D 59 -30.63 10.50 0.78
C ILE D 59 -30.64 9.33 1.75
N GLN D 60 -29.46 8.79 2.04
CA GLN D 60 -29.35 7.67 2.98
C GLN D 60 -28.65 8.21 4.21
N PRO D 61 -29.37 8.33 5.34
CA PRO D 61 -28.72 8.84 6.56
C PRO D 61 -27.33 8.21 6.66
N GLY D 62 -26.33 9.05 6.94
CA GLY D 62 -24.96 8.60 6.99
C GLY D 62 -24.18 9.45 6.00
N ARG D 63 -24.68 9.58 4.78
CA ARG D 63 -24.03 10.41 3.77
C ARG D 63 -24.53 11.82 3.96
N GLY D 64 -23.67 12.79 3.64
CA GLY D 64 -24.05 14.18 3.80
C GLY D 64 -24.27 14.79 2.44
N PHE D 65 -24.06 13.97 1.42
CA PHE D 65 -24.24 14.38 0.04
C PHE D 65 -25.37 13.51 -0.49
N VAL D 66 -25.98 13.95 -1.60
CA VAL D 66 -27.05 13.17 -2.19
C VAL D 66 -26.56 12.54 -3.48
N LEU D 67 -26.98 11.29 -3.70
CA LEU D 67 -26.62 10.50 -4.86
C LEU D 67 -27.71 10.55 -5.93
N TYR D 68 -27.40 11.15 -7.09
CA TYR D 68 -28.35 11.26 -8.19
C TYR D 68 -28.08 10.29 -9.31
N PRO D 69 -28.85 9.18 -9.39
CA PRO D 69 -28.63 8.21 -10.46
C PRO D 69 -28.98 8.84 -11.81
N VAL D 70 -28.19 8.54 -12.84
CA VAL D 70 -28.45 9.14 -14.14
C VAL D 70 -28.36 8.12 -15.27
N LYS D 71 -29.36 8.13 -16.15
CA LYS D 71 -29.38 7.22 -17.29
C LYS D 71 -29.11 8.09 -18.49
N TYR D 72 -28.13 7.70 -19.31
CA TYR D 72 -27.75 8.49 -20.49
C TYR D 72 -27.41 7.67 -21.72
N LYS D 73 -27.52 8.33 -22.88
CA LYS D 73 -27.18 7.71 -24.15
C LYS D 73 -25.78 8.23 -24.51
N ALA D 74 -24.91 7.32 -24.94
CA ALA D 74 -23.56 7.71 -25.30
C ALA D 74 -23.06 7.00 -26.53
N ILE D 75 -22.02 7.57 -27.12
CA ILE D 75 -21.40 6.96 -28.30
C ILE D 75 -20.14 6.33 -27.74
N VAL D 76 -20.00 5.02 -27.90
CA VAL D 76 -18.82 4.33 -27.40
C VAL D 76 -18.11 3.60 -28.51
N PHE D 77 -16.81 3.36 -28.31
CA PHE D 77 -16.03 2.60 -29.27
C PHE D 77 -15.49 1.35 -28.56
N ARG D 78 -15.95 0.19 -29.01
CA ARG D 78 -15.59 -1.09 -28.40
C ARG D 78 -15.11 -2.06 -29.48
N PRO D 79 -13.79 -2.24 -29.58
CA PRO D 79 -13.29 -3.16 -30.59
C PRO D 79 -13.50 -4.61 -30.14
N PHE D 80 -13.52 -5.52 -31.10
CA PHE D 80 -13.68 -6.94 -30.80
C PHE D 80 -12.73 -7.77 -31.63
N LYS D 81 -12.32 -8.90 -31.09
CA LYS D 81 -11.44 -9.81 -31.81
C LYS D 81 -12.25 -10.29 -32.99
N GLY D 82 -11.66 -10.28 -34.20
CA GLY D 82 -12.35 -10.73 -35.40
C GLY D 82 -12.92 -9.63 -36.28
N GLU D 83 -12.96 -8.41 -35.73
CA GLU D 83 -13.49 -7.24 -36.44
C GLU D 83 -12.48 -6.62 -37.37
N VAL D 84 -12.93 -6.24 -38.56
CA VAL D 84 -12.08 -5.60 -39.55
C VAL D 84 -12.39 -4.11 -39.52
N VAL D 85 -11.32 -3.30 -39.44
CA VAL D 85 -11.42 -1.85 -39.32
C VAL D 85 -10.33 -1.16 -40.16
N ASP D 86 -10.60 0.07 -40.56
CA ASP D 86 -9.60 0.83 -41.30
C ASP D 86 -8.82 1.57 -40.23
N ALA D 87 -7.50 1.62 -40.37
CA ALA D 87 -6.69 2.31 -39.39
C ALA D 87 -5.76 3.29 -40.06
N VAL D 88 -5.19 4.18 -39.25
CA VAL D 88 -4.21 5.14 -39.78
C VAL D 88 -2.85 4.72 -39.22
N VAL D 89 -1.87 4.56 -40.10
CA VAL D 89 -0.52 4.20 -39.67
C VAL D 89 0.16 5.42 -39.03
N THR D 90 0.69 5.25 -37.83
CA THR D 90 1.34 6.36 -37.15
C THR D 90 2.84 6.19 -37.21
N GLN D 91 3.30 4.96 -37.29
CA GLN D 91 4.74 4.74 -37.35
C GLN D 91 5.21 3.42 -37.94
N VAL D 92 6.26 3.49 -38.77
CA VAL D 92 6.84 2.29 -39.36
C VAL D 92 8.11 1.99 -38.58
N ASN D 93 8.22 0.74 -38.15
CA ASN D 93 9.35 0.30 -37.34
C ASN D 93 9.76 -1.10 -37.77
N LYS D 94 10.98 -1.50 -37.41
CA LYS D 94 11.42 -2.83 -37.79
C LYS D 94 10.70 -3.90 -36.98
N VAL D 95 9.94 -3.45 -35.99
CA VAL D 95 9.21 -4.37 -35.12
C VAL D 95 7.77 -4.61 -35.59
N GLY D 96 7.25 -3.68 -36.38
CA GLY D 96 5.90 -3.82 -36.89
C GLY D 96 5.30 -2.50 -37.32
N LEU D 97 3.98 -2.43 -37.26
CA LEU D 97 3.26 -1.24 -37.66
C LEU D 97 2.44 -0.69 -36.50
N PHE D 98 2.67 0.56 -36.15
CA PHE D 98 1.91 1.21 -35.10
C PHE D 98 0.85 2.06 -35.80
N THR D 99 -0.41 1.73 -35.53
CA THR D 99 -1.54 2.41 -36.13
C THR D 99 -2.47 2.96 -35.06
N GLU D 100 -3.49 3.64 -35.52
CA GLU D 100 -4.46 4.24 -34.61
C GLU D 100 -5.84 4.24 -35.24
N ILE D 101 -6.80 3.73 -34.49
CA ILE D 101 -8.19 3.63 -34.92
C ILE D 101 -8.95 4.55 -33.97
N GLY D 102 -9.25 5.74 -34.45
CA GLY D 102 -9.95 6.67 -33.60
C GLY D 102 -9.12 6.91 -32.35
N PRO D 103 -9.65 6.61 -31.15
CA PRO D 103 -8.92 6.82 -29.91
C PRO D 103 -8.10 5.63 -29.44
N MET D 104 -8.25 4.51 -30.13
CA MET D 104 -7.55 3.31 -29.74
C MET D 104 -6.35 3.00 -30.61
N SER D 105 -5.24 2.65 -29.97
CA SER D 105 -4.02 2.29 -30.68
C SER D 105 -4.11 0.81 -31.02
N CYS D 106 -3.47 0.42 -32.12
CA CYS D 106 -3.46 -0.96 -32.55
C CYS D 106 -2.11 -1.28 -33.14
N PHE D 107 -1.49 -2.37 -32.66
CA PHE D 107 -0.17 -2.76 -33.12
C PHE D 107 -0.17 -4.01 -34.02
N ILE D 108 0.45 -3.87 -35.18
CA ILE D 108 0.54 -4.97 -36.14
C ILE D 108 1.96 -5.49 -36.06
N SER D 109 2.11 -6.68 -35.49
CA SER D 109 3.42 -7.30 -35.35
C SER D 109 4.01 -7.56 -36.73
N ARG D 110 5.31 -7.30 -36.87
CA ARG D 110 5.93 -7.55 -38.15
C ARG D 110 5.61 -9.02 -38.47
N HIS D 111 5.59 -9.85 -37.44
CA HIS D 111 5.29 -11.26 -37.61
C HIS D 111 3.91 -11.50 -38.21
N SER D 112 3.05 -10.49 -38.14
CA SER D 112 1.70 -10.61 -38.67
C SER D 112 1.52 -9.88 -39.99
N ILE D 113 2.65 -9.59 -40.64
CA ILE D 113 2.64 -8.91 -41.92
C ILE D 113 3.06 -9.92 -42.99
N PRO D 114 2.31 -9.98 -44.10
CA PRO D 114 2.68 -10.93 -45.17
C PRO D 114 4.16 -10.75 -45.53
N SER D 115 4.80 -11.84 -45.94
CA SER D 115 6.23 -11.81 -46.27
C SER D 115 6.65 -10.98 -47.48
N GLU D 116 5.72 -10.66 -48.36
CA GLU D 116 6.06 -9.86 -49.55
C GLU D 116 6.42 -8.43 -49.19
N MET D 117 6.03 -8.03 -47.99
CA MET D 117 6.29 -6.68 -47.54
C MET D 117 7.58 -6.58 -46.73
N GLU D 118 8.70 -6.48 -47.44
CA GLU D 118 9.98 -6.39 -46.75
C GLU D 118 10.05 -5.03 -46.07
N PHE D 119 10.78 -4.96 -44.95
CA PHE D 119 10.94 -3.71 -44.23
C PHE D 119 12.09 -2.91 -44.85
N ASP D 120 11.92 -1.60 -44.97
CA ASP D 120 12.96 -0.77 -45.55
C ASP D 120 13.24 0.43 -44.67
N PRO D 121 14.29 0.33 -43.84
CA PRO D 121 14.71 1.40 -42.93
C PRO D 121 15.32 2.56 -43.69
N ASN D 122 16.04 2.21 -44.75
CA ASN D 122 16.73 3.17 -45.60
C ASN D 122 15.79 4.01 -46.47
N SER D 123 14.56 3.55 -46.63
CA SER D 123 13.58 4.29 -47.43
C SER D 123 13.44 5.70 -46.85
N ASN D 124 13.07 6.68 -47.68
CA ASN D 124 12.90 8.05 -47.18
C ASN D 124 12.03 7.87 -45.93
N PRO D 125 10.69 7.86 -46.09
CA PRO D 125 10.07 7.65 -44.78
C PRO D 125 10.14 6.13 -44.64
N PRO D 126 10.65 5.61 -43.51
CA PRO D 126 10.71 4.14 -43.40
C PRO D 126 9.38 3.54 -43.85
N CYS D 127 9.41 2.35 -44.41
CA CYS D 127 8.17 1.75 -44.87
C CYS D 127 8.26 0.25 -45.06
N TYR D 128 7.13 -0.32 -45.46
CA TYR D 128 7.03 -1.75 -45.76
C TYR D 128 6.57 -1.77 -47.23
N LYS D 129 7.30 -2.50 -48.07
CA LYS D 129 6.94 -2.55 -49.47
C LYS D 129 7.18 -3.94 -50.05
N THR D 130 6.62 -4.16 -51.22
CA THR D 130 6.82 -5.40 -51.93
C THR D 130 8.09 -5.12 -52.75
N MET D 131 8.95 -6.12 -52.95
CA MET D 131 10.19 -5.90 -53.71
C MET D 131 9.86 -5.23 -55.04
N ASP D 132 8.61 -5.43 -55.44
CA ASP D 132 8.08 -4.90 -56.67
C ASP D 132 7.79 -3.39 -56.55
N GLU D 133 7.94 -2.85 -55.34
CA GLU D 133 7.66 -1.44 -55.08
C GLU D 133 6.19 -1.16 -55.43
N ASP D 134 5.51 -2.23 -55.82
CA ASP D 134 4.11 -2.24 -56.22
C ASP D 134 3.18 -1.67 -55.14
N ILE D 135 3.25 -2.26 -53.95
CA ILE D 135 2.45 -1.84 -52.81
C ILE D 135 3.34 -1.24 -51.72
N VAL D 136 3.01 -0.04 -51.27
CA VAL D 136 3.82 0.60 -50.23
C VAL D 136 3.03 1.19 -49.07
N ILE D 137 3.37 0.73 -47.87
CA ILE D 137 2.73 1.19 -46.65
C ILE D 137 3.72 2.04 -45.89
N GLN D 138 3.35 3.26 -45.56
CA GLN D 138 4.24 4.10 -44.78
C GLN D 138 3.41 4.95 -43.84
N GLN D 139 4.07 5.82 -43.09
CA GLN D 139 3.40 6.68 -42.14
C GLN D 139 2.28 7.52 -42.77
N ASP D 140 1.14 7.58 -42.09
CA ASP D 140 -0.01 8.34 -42.55
C ASP D 140 -0.86 7.64 -43.61
N ASP D 141 -0.51 6.41 -43.95
CA ASP D 141 -1.30 5.67 -44.92
C ASP D 141 -2.49 5.05 -44.18
N GLU D 142 -3.58 4.84 -44.91
CA GLU D 142 -4.76 4.23 -44.33
C GLU D 142 -4.72 2.76 -44.69
N ILE D 143 -4.73 1.88 -43.70
CA ILE D 143 -4.72 0.46 -43.99
C ILE D 143 -5.87 -0.27 -43.34
N ARG D 144 -6.18 -1.46 -43.88
CA ARG D 144 -7.26 -2.31 -43.36
C ARG D 144 -6.66 -3.44 -42.57
N LEU D 145 -7.10 -3.57 -41.33
CA LEU D 145 -6.60 -4.62 -40.47
C LEU D 145 -7.72 -5.41 -39.81
N LYS D 146 -7.35 -6.59 -39.34
CA LYS D 146 -8.25 -7.48 -38.63
C LYS D 146 -7.69 -7.48 -37.22
N ILE D 147 -8.53 -7.17 -36.25
CA ILE D 147 -8.08 -7.14 -34.85
C ILE D 147 -7.98 -8.57 -34.31
N VAL D 148 -6.78 -8.91 -33.86
CA VAL D 148 -6.46 -10.23 -33.34
C VAL D 148 -6.60 -10.39 -31.84
N GLY D 149 -6.49 -9.29 -31.11
CA GLY D 149 -6.61 -9.35 -29.66
C GLY D 149 -6.77 -7.95 -29.10
N THR D 150 -7.41 -7.84 -27.95
CA THR D 150 -7.60 -6.55 -27.31
C THR D 150 -7.09 -6.66 -25.91
N ARG D 151 -6.75 -5.52 -25.33
CA ARG D 151 -6.21 -5.48 -23.99
C ARG D 151 -6.72 -4.27 -23.23
N VAL D 152 -6.81 -4.38 -21.91
CA VAL D 152 -7.22 -3.24 -21.12
C VAL D 152 -6.22 -3.05 -19.99
N ASP D 153 -5.44 -1.97 -20.08
CA ASP D 153 -4.40 -1.63 -19.10
C ASP D 153 -4.73 -0.24 -18.57
N LYS D 154 -5.20 -0.18 -17.33
CA LYS D 154 -5.56 1.10 -16.73
C LYS D 154 -6.74 1.74 -17.43
N ASN D 155 -7.87 1.03 -17.37
CA ASN D 155 -9.12 1.51 -17.97
C ASN D 155 -9.06 1.86 -19.47
N ASP D 156 -7.87 1.83 -20.05
CA ASP D 156 -7.70 2.18 -21.47
C ASP D 156 -7.50 0.91 -22.31
N ILE D 157 -8.20 0.81 -23.44
CA ILE D 157 -8.09 -0.38 -24.29
C ILE D 157 -7.20 -0.17 -25.49
N PHE D 158 -6.45 -1.20 -25.87
CA PHE D 158 -5.60 -1.12 -27.04
C PHE D 158 -5.70 -2.46 -27.72
N ALA D 159 -5.36 -2.52 -29.00
CA ALA D 159 -5.48 -3.78 -29.71
C ALA D 159 -4.26 -4.17 -30.52
N ILE D 160 -4.29 -5.43 -30.95
CA ILE D 160 -3.22 -5.98 -31.75
C ILE D 160 -3.88 -6.45 -33.03
N GLY D 161 -3.28 -6.08 -34.16
CA GLY D 161 -3.85 -6.47 -35.42
C GLY D 161 -2.96 -7.32 -36.29
N SER D 162 -3.52 -7.72 -37.43
CA SER D 162 -2.80 -8.55 -38.37
C SER D 162 -3.19 -8.15 -39.78
N LEU D 163 -2.28 -8.38 -40.72
CA LEU D 163 -2.50 -8.07 -42.12
C LEU D 163 -2.39 -9.36 -42.91
N MET D 164 -2.50 -10.48 -42.21
CA MET D 164 -2.39 -11.79 -42.83
C MET D 164 -3.51 -12.26 -43.73
N ASP D 165 -4.74 -11.83 -43.50
CA ASP D 165 -5.82 -12.28 -44.36
C ASP D 165 -5.93 -11.53 -45.68
N ASP D 166 -6.70 -12.13 -46.57
CA ASP D 166 -6.96 -11.58 -47.89
C ASP D 166 -7.75 -10.30 -47.73
N TYR D 167 -7.53 -9.37 -48.64
CA TYR D 167 -8.25 -8.11 -48.62
C TYR D 167 -7.95 -7.20 -47.43
N LEU D 168 -6.71 -7.24 -46.99
CA LEU D 168 -6.26 -6.39 -45.90
C LEU D 168 -5.04 -5.63 -46.40
N GLY D 169 -4.65 -4.57 -45.69
CA GLY D 169 -3.49 -3.82 -46.11
C GLY D 169 -3.77 -2.44 -46.65
N LEU D 170 -2.95 -2.03 -47.61
CA LEU D 170 -3.09 -0.70 -48.18
C LEU D 170 -4.48 -0.44 -48.70
N VAL D 171 -4.97 0.77 -48.46
CA VAL D 171 -6.30 1.15 -48.91
C VAL D 171 -6.25 2.23 -50.00
N GLU E 24 -5.17 26.44 42.05
CA GLU E 24 -5.57 27.33 43.17
C GLU E 24 -5.10 26.78 44.52
N GLU E 25 -5.84 25.81 45.07
CA GLU E 25 -5.49 25.21 46.35
C GLU E 25 -4.16 24.46 46.30
N ASP E 26 -3.33 24.67 47.31
CA ASP E 26 -2.04 24.00 47.40
C ASP E 26 -1.63 23.77 48.85
N ALA E 27 -1.72 22.52 49.27
CA ALA E 27 -1.40 22.14 50.64
C ALA E 27 0.01 22.50 51.03
N SER E 28 0.94 22.32 50.11
CA SER E 28 2.33 22.63 50.41
C SER E 28 2.44 24.05 50.98
N GLN E 29 1.57 24.94 50.51
CA GLN E 29 1.59 26.32 50.97
C GLN E 29 0.41 26.66 51.88
N LEU E 30 -0.17 25.63 52.48
CA LEU E 30 -1.30 25.80 53.38
C LEU E 30 -2.45 26.61 52.79
N ILE E 31 -2.64 26.49 51.47
CA ILE E 31 -3.73 27.17 50.77
C ILE E 31 -4.89 26.18 50.64
N PHE E 32 -5.83 26.23 51.57
CA PHE E 32 -6.98 25.32 51.52
C PHE E 32 -8.26 26.02 51.16
N PRO E 33 -9.20 25.29 50.54
CA PRO E 33 -10.49 25.85 50.14
C PRO E 33 -11.42 26.28 51.26
N LYS E 34 -12.50 26.92 50.85
CA LYS E 34 -13.56 27.45 51.70
C LYS E 34 -13.96 26.55 52.87
N GLU E 35 -14.74 25.53 52.55
CA GLU E 35 -15.27 24.58 53.52
C GLU E 35 -14.30 24.04 54.57
N PHE E 36 -13.01 23.98 54.25
CA PHE E 36 -12.06 23.45 55.22
C PHE E 36 -11.24 24.51 55.95
N GLU E 37 -11.94 25.49 56.52
CA GLU E 37 -11.28 26.54 57.27
C GLU E 37 -11.65 26.30 58.73
N THR E 38 -12.89 25.88 58.92
CA THR E 38 -13.44 25.61 60.24
C THR E 38 -13.33 24.13 60.63
N ALA E 39 -13.10 23.28 59.63
CA ALA E 39 -12.99 21.85 59.84
C ALA E 39 -11.78 21.43 60.69
N GLU E 40 -11.95 20.36 61.45
CA GLU E 40 -10.87 19.85 62.28
C GLU E 40 -10.29 18.63 61.58
N THR E 41 -8.98 18.46 61.69
CA THR E 41 -8.30 17.34 61.07
C THR E 41 -8.26 16.15 62.01
N LEU E 42 -8.17 14.95 61.44
CA LEU E 42 -8.13 13.70 62.19
C LEU E 42 -6.96 12.84 61.74
N LEU E 43 -6.26 12.23 62.69
CA LEU E 43 -5.15 11.38 62.36
C LEU E 43 -5.72 10.05 61.89
N ASN E 44 -4.99 9.34 61.03
CA ASN E 44 -5.47 8.06 60.57
C ASN E 44 -5.90 7.22 61.76
N SER E 45 -5.09 7.23 62.81
CA SER E 45 -5.39 6.45 64.00
C SER E 45 -6.75 6.82 64.60
N GLU E 46 -7.00 8.12 64.74
CA GLU E 46 -8.28 8.58 65.31
C GLU E 46 -9.42 8.11 64.42
N VAL E 47 -9.23 8.24 63.11
CA VAL E 47 -10.26 7.83 62.18
C VAL E 47 -10.52 6.34 62.39
N HIS E 48 -9.47 5.52 62.35
CA HIS E 48 -9.64 4.10 62.53
C HIS E 48 -10.51 3.76 63.74
N MET E 49 -10.29 4.45 64.85
CA MET E 49 -11.08 4.20 66.05
C MET E 49 -12.55 4.54 65.79
N LEU E 50 -12.78 5.76 65.30
CA LEU E 50 -14.13 6.20 64.99
C LEU E 50 -14.82 5.17 64.09
N LEU E 51 -14.18 4.77 62.99
CA LEU E 51 -14.79 3.80 62.10
C LEU E 51 -14.93 2.45 62.79
N GLU E 52 -13.96 2.09 63.62
CA GLU E 52 -14.01 0.83 64.32
C GLU E 52 -15.21 0.86 65.26
N HIS E 53 -15.56 2.06 65.71
CA HIS E 53 -16.70 2.25 66.62
C HIS E 53 -18.01 2.01 65.87
N ARG E 54 -18.17 2.71 64.74
CA ARG E 54 -19.37 2.61 63.91
C ARG E 54 -19.64 1.16 63.56
N LYS E 55 -18.60 0.43 63.20
CA LYS E 55 -18.73 -0.97 62.85
C LYS E 55 -19.27 -1.75 64.04
N GLN E 56 -18.91 -1.32 65.25
CA GLN E 56 -19.35 -1.96 66.49
C GLN E 56 -20.83 -1.70 66.72
N GLN E 57 -21.31 -0.56 66.23
CA GLN E 57 -22.71 -0.19 66.37
C GLN E 57 -23.55 -0.82 65.24
N ASN E 58 -22.85 -1.25 64.19
CA ASN E 58 -23.52 -1.86 63.05
C ASN E 58 -23.57 -3.37 63.30
N GLU E 59 -22.46 -3.91 63.80
CA GLU E 59 -22.39 -5.33 64.09
C GLU E 59 -23.60 -5.68 64.95
N SER E 60 -23.54 -5.30 66.22
CA SER E 60 -24.66 -5.56 67.12
C SER E 60 -25.80 -4.60 66.74
N ALA E 61 -27.02 -4.96 67.13
CA ALA E 61 -28.21 -4.15 66.85
C ALA E 61 -28.66 -4.30 65.39
N GLU E 62 -29.22 -5.46 65.07
CA GLU E 62 -29.70 -5.73 63.72
C GLU E 62 -30.72 -4.67 63.28
N ASP E 63 -31.05 -4.68 61.99
CA ASP E 63 -31.99 -3.75 61.37
C ASP E 63 -31.27 -2.73 60.50
N GLU E 64 -29.95 -2.82 60.41
CA GLU E 64 -29.18 -1.90 59.58
C GLU E 64 -28.33 -2.73 58.58
N GLN E 65 -28.39 -2.34 57.31
CA GLN E 65 -27.64 -3.03 56.26
C GLN E 65 -26.14 -2.86 56.42
N GLU E 66 -25.38 -3.72 55.72
CA GLU E 66 -23.92 -3.67 55.79
C GLU E 66 -23.39 -2.31 55.34
N LEU E 67 -22.27 -1.89 55.91
CA LEU E 67 -21.67 -0.60 55.58
C LEU E 67 -21.14 -0.60 54.14
N SER E 68 -21.03 0.59 53.54
CA SER E 68 -20.57 0.70 52.16
C SER E 68 -19.13 0.27 51.94
N GLU E 69 -18.78 0.12 50.66
CA GLU E 69 -17.42 -0.27 50.30
C GLU E 69 -16.47 0.86 50.61
N VAL E 70 -16.90 2.08 50.35
CA VAL E 70 -16.06 3.23 50.66
C VAL E 70 -15.68 3.18 52.15
N PHE E 71 -16.58 2.67 52.99
CA PHE E 71 -16.32 2.56 54.43
C PHE E 71 -15.24 1.52 54.71
N MET E 72 -15.44 0.32 54.18
CA MET E 72 -14.52 -0.77 54.37
C MET E 72 -13.08 -0.45 53.90
N LYS E 73 -12.95 0.14 52.72
CA LYS E 73 -11.64 0.48 52.23
C LYS E 73 -10.97 1.49 53.15
N THR E 74 -11.77 2.39 53.72
CA THR E 74 -11.22 3.39 54.62
C THR E 74 -10.86 2.79 55.96
N LEU E 75 -11.59 1.78 56.37
CA LEU E 75 -11.32 1.14 57.64
C LEU E 75 -9.99 0.40 57.56
N ASN E 76 -9.80 -0.31 56.46
CA ASN E 76 -8.58 -1.08 56.29
C ASN E 76 -7.37 -0.17 56.10
N TYR E 77 -7.48 0.82 55.23
CA TYR E 77 -6.38 1.75 55.01
C TYR E 77 -5.98 2.39 56.33
N THR E 78 -6.98 2.95 56.98
CA THR E 78 -6.79 3.64 58.23
C THR E 78 -6.10 2.76 59.26
N ALA E 79 -6.50 1.50 59.34
CA ALA E 79 -5.90 0.55 60.29
C ALA E 79 -4.47 0.25 59.88
N ARG E 80 -4.27 -0.01 58.60
CA ARG E 80 -2.96 -0.34 58.06
C ARG E 80 -1.90 0.73 58.27
N PHE E 81 -2.30 1.99 58.31
CA PHE E 81 -1.32 3.05 58.50
C PHE E 81 -1.34 3.72 59.85
N SER E 82 -2.16 3.23 60.77
CA SER E 82 -2.25 3.84 62.10
C SER E 82 -0.92 3.75 62.84
N ARG E 83 -0.42 4.89 63.29
CA ARG E 83 0.85 4.91 64.00
C ARG E 83 0.65 4.88 65.52
N PHE E 84 -0.55 5.23 65.96
CA PHE E 84 -0.87 5.23 67.38
C PHE E 84 -2.14 4.45 67.63
N LYS E 85 -1.99 3.16 67.94
CA LYS E 85 -3.13 2.31 68.21
C LYS E 85 -3.38 2.30 69.74
N ASN E 86 -4.17 3.26 70.21
CA ASN E 86 -4.49 3.42 71.62
C ASN E 86 -5.02 4.84 71.84
N ARG E 87 -6.29 4.96 72.20
CA ARG E 87 -6.93 6.27 72.37
C ARG E 87 -6.14 7.33 73.13
N GLU E 88 -5.66 6.99 74.33
CA GLU E 88 -4.92 7.94 75.14
C GLU E 88 -3.62 8.36 74.49
N THR E 89 -2.93 7.43 73.86
CA THR E 89 -1.66 7.76 73.20
C THR E 89 -1.95 8.88 72.20
N ILE E 90 -2.90 8.59 71.31
CA ILE E 90 -3.31 9.55 70.29
C ILE E 90 -3.47 10.92 70.92
N ALA E 91 -4.06 10.96 72.11
CA ALA E 91 -4.29 12.22 72.82
C ALA E 91 -3.01 13.00 73.05
N SER E 92 -2.02 12.37 73.68
CA SER E 92 -0.76 13.04 73.96
C SER E 92 -0.06 13.53 72.69
N VAL E 93 -0.13 12.74 71.62
CA VAL E 93 0.48 13.13 70.35
C VAL E 93 -0.20 14.42 69.89
N ARG E 94 -1.53 14.40 69.96
CA ARG E 94 -2.37 15.53 69.58
C ARG E 94 -1.99 16.81 70.29
N SER E 95 -1.99 16.79 71.62
CA SER E 95 -1.67 17.97 72.41
C SER E 95 -0.23 18.44 72.24
N LEU E 96 0.72 17.51 72.31
CA LEU E 96 2.13 17.83 72.15
C LEU E 96 2.32 18.72 70.91
N LEU E 97 1.74 18.28 69.79
CA LEU E 97 1.83 19.02 68.56
C LEU E 97 0.99 20.28 68.63
N LEU E 98 -0.10 20.19 69.41
CA LEU E 98 -1.04 21.29 69.57
C LEU E 98 -0.42 22.55 70.17
N GLN E 99 0.51 22.39 71.10
CA GLN E 99 1.16 23.54 71.70
C GLN E 99 2.44 23.84 70.93
N LYS E 100 2.28 24.03 69.63
CA LYS E 100 3.39 24.31 68.74
C LYS E 100 2.80 25.09 67.57
N LYS E 101 3.60 25.99 67.00
CA LYS E 101 3.15 26.80 65.87
C LYS E 101 2.87 25.88 64.67
N LEU E 102 1.79 25.09 64.77
CA LEU E 102 1.43 24.16 63.71
C LEU E 102 -0.01 24.32 63.26
N HIS E 103 -0.20 24.31 61.95
CA HIS E 103 -1.53 24.42 61.35
C HIS E 103 -2.15 23.01 61.45
N LYS E 104 -3.45 22.94 61.65
CA LYS E 104 -4.15 21.66 61.75
C LYS E 104 -3.70 20.64 60.70
N PHE E 105 -3.52 21.09 59.47
CA PHE E 105 -3.10 20.18 58.41
C PHE E 105 -1.70 19.61 58.67
N GLU E 106 -0.78 20.45 59.14
CA GLU E 106 0.59 20.03 59.44
C GLU E 106 0.60 19.07 60.63
N LEU E 107 -0.17 19.42 61.66
CA LEU E 107 -0.26 18.57 62.84
C LEU E 107 -0.65 17.16 62.42
N ALA E 108 -1.78 17.05 61.72
CA ALA E 108 -2.27 15.75 61.27
C ALA E 108 -1.26 15.10 60.33
N CYS E 109 -0.59 15.93 59.54
CA CYS E 109 0.35 15.40 58.58
C CYS E 109 1.55 14.74 59.24
N LEU E 110 2.10 15.41 60.26
CA LEU E 110 3.24 14.88 61.00
C LEU E 110 2.91 13.55 61.67
N ALA E 111 1.82 13.57 62.43
CA ALA E 111 1.37 12.39 63.14
C ALA E 111 1.20 11.21 62.17
N ASN E 112 0.54 11.46 61.04
CA ASN E 112 0.26 10.43 60.03
C ASN E 112 1.53 9.94 59.37
N LEU E 113 2.34 10.86 58.84
CA LEU E 113 3.57 10.46 58.15
C LEU E 113 4.74 10.03 59.02
N CYS E 114 4.87 10.63 60.21
CA CYS E 114 5.94 10.33 61.15
C CYS E 114 7.35 10.37 60.55
N PRO E 115 7.78 11.54 60.03
CA PRO E 115 9.13 11.59 59.47
C PRO E 115 10.13 11.46 60.62
N GLU E 116 11.32 10.92 60.33
CA GLU E 116 12.35 10.71 61.35
C GLU E 116 13.33 11.86 61.57
N THR E 117 13.65 12.57 60.50
CA THR E 117 14.60 13.65 60.62
C THR E 117 14.01 15.00 60.32
N ALA E 118 14.64 16.05 60.82
CA ALA E 118 14.16 17.39 60.57
C ALA E 118 14.08 17.61 59.08
N GLU E 119 15.13 17.20 58.38
CA GLU E 119 15.20 17.39 56.94
C GLU E 119 14.08 16.71 56.14
N GLU E 120 13.81 15.44 56.46
CA GLU E 120 12.76 14.70 55.77
C GLU E 120 11.45 15.43 56.01
N SER E 121 11.32 15.95 57.21
CA SER E 121 10.13 16.67 57.61
C SER E 121 9.88 17.85 56.66
N LYS E 122 10.80 18.80 56.64
CA LYS E 122 10.67 19.97 55.78
C LYS E 122 10.42 19.58 54.35
N ALA E 123 10.98 18.46 53.91
CA ALA E 123 10.79 18.02 52.54
C ALA E 123 9.33 17.63 52.27
N LEU E 124 8.76 16.84 53.15
CA LEU E 124 7.38 16.37 52.99
C LEU E 124 6.35 17.44 53.32
N ILE E 125 6.71 18.34 54.21
CA ILE E 125 5.78 19.39 54.63
C ILE E 125 6.46 20.74 54.52
N PRO E 126 6.73 21.16 53.28
CA PRO E 126 7.39 22.43 52.95
C PRO E 126 6.94 23.61 53.81
N SER E 127 5.65 23.65 54.13
CA SER E 127 5.14 24.75 54.94
C SER E 127 5.89 24.84 56.27
N LEU E 128 6.65 23.81 56.60
CA LEU E 128 7.38 23.82 57.87
C LEU E 128 8.70 24.57 57.79
N GLU E 129 9.17 24.81 56.56
CA GLU E 129 10.43 25.51 56.38
C GLU E 129 10.40 26.80 57.19
N GLY E 130 11.45 27.03 57.96
CA GLY E 130 11.52 28.26 58.74
C GLY E 130 10.60 28.41 59.93
N ARG E 131 9.87 27.37 60.30
CA ARG E 131 8.98 27.48 61.45
C ARG E 131 9.77 27.34 62.73
N PHE E 132 10.54 26.27 62.84
CA PHE E 132 11.36 26.03 64.03
C PHE E 132 12.84 25.89 63.65
N GLU E 133 13.70 25.94 64.66
CA GLU E 133 15.13 25.79 64.45
C GLU E 133 15.24 24.28 64.28
N ASP E 134 16.09 23.82 63.36
CA ASP E 134 16.22 22.38 63.14
C ASP E 134 16.31 21.57 64.43
N GLU E 135 16.93 22.12 65.47
CA GLU E 135 17.07 21.41 66.73
C GLU E 135 15.73 21.09 67.38
N GLU E 136 14.80 22.06 67.31
CA GLU E 136 13.48 21.91 67.90
C GLU E 136 12.56 21.00 67.09
N LEU E 137 12.61 21.13 65.76
CA LEU E 137 11.76 20.32 64.90
C LEU E 137 12.07 18.85 65.10
N GLN E 138 13.35 18.54 65.25
CA GLN E 138 13.78 17.17 65.46
C GLN E 138 13.27 16.65 66.79
N GLN E 139 13.20 17.54 67.78
CA GLN E 139 12.73 17.16 69.09
C GLN E 139 11.29 16.70 68.99
N ILE E 140 10.51 17.46 68.21
CA ILE E 140 9.11 17.14 68.01
C ILE E 140 9.01 15.75 67.38
N LEU E 141 9.73 15.58 66.28
CA LEU E 141 9.76 14.31 65.58
C LEU E 141 10.09 13.18 66.55
N ASP E 142 11.06 13.42 67.43
CA ASP E 142 11.47 12.41 68.40
C ASP E 142 10.39 12.13 69.43
N ASP E 143 9.77 13.18 69.95
CA ASP E 143 8.70 13.01 70.93
C ASP E 143 7.58 12.20 70.31
N ILE E 144 7.31 12.44 69.03
CA ILE E 144 6.27 11.73 68.29
C ILE E 144 6.68 10.28 68.11
N GLN E 145 7.92 10.07 67.71
CA GLN E 145 8.43 8.71 67.52
C GLN E 145 8.32 7.92 68.81
N THR E 146 8.50 8.60 69.94
CA THR E 146 8.42 7.96 71.24
C THR E 146 7.08 7.25 71.44
N LYS E 147 5.99 8.03 71.36
CA LYS E 147 4.65 7.49 71.55
C LYS E 147 4.26 6.39 70.56
N ARG E 148 5.12 6.10 69.60
CA ARG E 148 4.82 5.06 68.62
C ARG E 148 4.41 3.73 69.27
N SER E 149 3.22 3.26 68.91
CA SER E 149 2.66 2.01 69.45
C SER E 149 2.94 0.82 68.52
N MET F 1 -6.13 13.94 53.39
CA MET F 1 -6.38 14.44 54.77
C MET F 1 -7.80 14.07 55.19
N PHE F 2 -7.95 13.63 56.43
CA PHE F 2 -9.28 13.26 56.94
C PHE F 2 -9.72 14.41 57.83
N TYR F 3 -10.98 14.80 57.72
CA TYR F 3 -11.51 15.86 58.54
C TYR F 3 -12.74 15.38 59.26
N HIS F 4 -13.16 16.16 60.25
CA HIS F 4 -14.35 15.91 61.01
C HIS F 4 -15.06 17.23 60.82
N ILE F 5 -16.08 17.25 59.97
CA ILE F 5 -16.77 18.51 59.75
C ILE F 5 -18.27 18.41 59.64
N SER F 6 -18.92 19.57 59.74
CA SER F 6 -20.36 19.65 59.67
C SER F 6 -20.86 19.74 58.25
N LEU F 7 -21.92 19.00 58.00
CA LEU F 7 -22.52 18.96 56.69
C LEU F 7 -24.00 19.19 56.78
N GLU F 8 -24.54 19.66 55.66
CA GLU F 8 -25.94 19.93 55.53
C GLU F 8 -26.40 18.97 54.46
N HIS F 9 -27.63 18.52 54.59
CA HIS F 9 -28.20 17.65 53.60
C HIS F 9 -29.66 17.46 53.92
N GLU F 10 -30.51 17.59 52.90
CA GLU F 10 -31.94 17.47 53.12
C GLU F 10 -32.47 16.04 52.94
N ILE F 11 -33.39 15.68 53.82
CA ILE F 11 -34.02 14.37 53.86
C ILE F 11 -35.48 14.41 53.50
N LEU F 12 -35.91 13.46 52.68
CA LEU F 12 -37.31 13.36 52.28
C LEU F 12 -37.89 12.33 53.24
N LEU F 13 -38.97 12.68 53.91
CA LEU F 13 -39.60 11.75 54.84
C LEU F 13 -41.10 11.58 54.57
N HIS F 14 -41.64 10.42 54.93
CA HIS F 14 -43.06 10.14 54.69
C HIS F 14 -43.67 9.28 55.79
N PRO F 15 -44.79 9.74 56.38
CA PRO F 15 -45.51 9.05 57.45
C PRO F 15 -45.66 7.54 57.27
N ARG F 16 -46.15 7.13 56.11
CA ARG F 16 -46.34 5.71 55.84
C ARG F 16 -45.08 4.88 56.10
N TYR F 17 -43.90 5.52 56.21
CA TYR F 17 -42.66 4.76 56.38
C TYR F 17 -41.75 5.21 57.51
N PHE F 18 -42.28 5.34 58.72
CA PHE F 18 -41.48 5.81 59.84
C PHE F 18 -40.89 4.83 60.83
N GLY F 19 -41.10 3.52 60.67
CA GLY F 19 -40.52 2.64 61.67
C GLY F 19 -41.10 3.01 63.03
N PRO F 20 -40.61 2.46 64.16
CA PRO F 20 -41.22 2.88 65.41
C PRO F 20 -40.43 3.89 66.22
N ASN F 21 -39.14 4.00 65.93
CA ASN F 21 -38.26 4.94 66.63
C ASN F 21 -38.09 6.20 65.79
N LEU F 22 -38.42 7.36 66.34
CA LEU F 22 -38.30 8.60 65.59
C LEU F 22 -36.89 8.95 65.08
N LEU F 23 -35.93 9.03 65.97
CA LEU F 23 -34.57 9.39 65.56
C LEU F 23 -33.84 8.31 64.74
N ASN F 24 -34.12 7.04 65.03
CA ASN F 24 -33.47 5.95 64.30
C ASN F 24 -33.90 6.01 62.85
N THR F 25 -35.19 6.29 62.64
CA THR F 25 -35.72 6.39 61.31
C THR F 25 -35.07 7.55 60.54
N VAL F 26 -34.73 8.62 61.27
CA VAL F 26 -34.10 9.77 60.62
C VAL F 26 -32.64 9.48 60.26
N LYS F 27 -31.94 8.74 61.13
CA LYS F 27 -30.53 8.39 60.90
C LYS F 27 -30.39 7.50 59.69
N GLN F 28 -31.07 6.36 59.68
CA GLN F 28 -30.99 5.44 58.56
C GLN F 28 -31.13 6.23 57.28
N LYS F 29 -32.20 7.00 57.18
CA LYS F 29 -32.44 7.82 56.00
C LYS F 29 -31.24 8.71 55.65
N LEU F 30 -30.61 9.34 56.64
CA LEU F 30 -29.47 10.20 56.37
C LEU F 30 -28.24 9.39 55.93
N PHE F 31 -27.94 8.32 56.67
CA PHE F 31 -26.79 7.49 56.38
C PHE F 31 -26.82 6.99 54.95
N THR F 32 -27.90 6.31 54.61
CA THR F 32 -28.04 5.78 53.27
C THR F 32 -27.88 6.88 52.22
N GLU F 33 -28.31 8.09 52.55
CA GLU F 33 -28.19 9.14 51.56
C GLU F 33 -26.83 9.82 51.48
N VAL F 34 -25.99 9.68 52.49
CA VAL F 34 -24.70 10.37 52.44
C VAL F 34 -23.41 9.56 52.57
N GLU F 35 -23.43 8.47 53.32
CA GLU F 35 -22.19 7.71 53.49
C GLU F 35 -21.76 7.00 52.21
N GLY F 36 -20.49 7.12 51.87
CA GLY F 36 -19.99 6.48 50.67
C GLY F 36 -20.14 7.36 49.44
N THR F 37 -20.66 8.57 49.63
CA THR F 37 -20.84 9.51 48.53
C THR F 37 -19.64 10.41 48.45
N CYS F 38 -19.57 11.21 47.40
CA CYS F 38 -18.45 12.10 47.23
C CYS F 38 -18.79 13.34 46.42
N THR F 39 -18.18 14.45 46.79
CA THR F 39 -18.39 15.69 46.07
C THR F 39 -17.02 16.31 45.93
N GLY F 40 -16.88 17.21 44.97
CA GLY F 40 -15.60 17.84 44.81
C GLY F 40 -15.38 18.77 45.98
N LYS F 41 -16.46 19.39 46.41
CA LYS F 41 -16.39 20.37 47.49
C LYS F 41 -15.95 19.79 48.84
N TYR F 42 -16.55 18.68 49.25
CA TYR F 42 -16.18 18.11 50.55
C TYR F 42 -15.44 16.79 50.49
N GLY F 43 -15.41 16.15 49.32
CA GLY F 43 -14.72 14.88 49.22
C GLY F 43 -15.59 13.68 49.55
N PHE F 44 -14.95 12.56 49.88
CA PHE F 44 -15.71 11.37 50.22
C PHE F 44 -16.28 11.46 51.64
N VAL F 45 -17.55 11.07 51.80
CA VAL F 45 -18.19 11.06 53.12
C VAL F 45 -17.98 9.63 53.61
N ILE F 46 -17.09 9.46 54.60
CA ILE F 46 -16.79 8.13 55.12
C ILE F 46 -17.87 7.59 56.03
N ALA F 47 -18.19 8.37 57.07
CA ALA F 47 -19.21 7.95 58.01
C ALA F 47 -19.76 9.14 58.78
N VAL F 48 -21.05 9.07 59.08
CA VAL F 48 -21.73 10.11 59.82
C VAL F 48 -21.48 9.90 61.29
N THR F 49 -21.04 10.96 61.97
CA THR F 49 -20.75 10.89 63.39
C THR F 49 -21.97 11.20 64.23
N THR F 50 -22.41 12.46 64.20
CA THR F 50 -23.55 12.88 65.00
C THR F 50 -24.49 13.69 64.12
N ILE F 51 -25.71 13.87 64.63
CA ILE F 51 -26.70 14.69 63.96
C ILE F 51 -26.89 15.83 64.93
N ASP F 52 -26.42 17.01 64.55
CA ASP F 52 -26.52 18.19 65.39
C ASP F 52 -27.91 18.82 65.38
N ASN F 53 -28.67 18.63 64.31
CA ASN F 53 -29.98 19.26 64.24
C ASN F 53 -30.88 18.84 63.08
N ILE F 54 -32.18 18.89 63.31
CA ILE F 54 -33.20 18.56 62.31
C ILE F 54 -34.10 19.78 62.20
N GLY F 55 -33.93 20.55 61.13
CA GLY F 55 -34.69 21.78 60.93
C GLY F 55 -36.13 21.66 60.48
N ALA F 56 -36.76 22.81 60.34
CA ALA F 56 -38.16 22.88 59.94
C ALA F 56 -38.32 22.22 58.59
N GLY F 57 -39.23 21.26 58.53
CA GLY F 57 -39.48 20.54 57.30
C GLY F 57 -40.40 21.30 56.39
N VAL F 58 -40.25 21.12 55.08
CA VAL F 58 -41.07 21.80 54.10
C VAL F 58 -41.96 20.80 53.39
N ILE F 59 -43.27 21.04 53.42
CA ILE F 59 -44.22 20.14 52.78
C ILE F 59 -44.04 20.14 51.27
N GLN F 60 -43.87 18.96 50.70
CA GLN F 60 -43.67 18.85 49.27
C GLN F 60 -45.01 18.63 48.54
N PRO F 61 -45.08 18.97 47.25
CA PRO F 61 -46.32 18.79 46.51
C PRO F 61 -46.79 17.33 46.51
N GLY F 62 -45.87 16.43 46.84
CA GLY F 62 -46.23 15.03 46.88
C GLY F 62 -47.44 14.79 47.75
N ARG F 63 -47.78 13.54 47.95
CA ARG F 63 -48.93 13.20 48.78
C ARG F 63 -48.49 12.86 50.21
N GLY F 64 -47.93 13.83 50.93
CA GLY F 64 -47.52 13.59 52.29
C GLY F 64 -46.04 13.69 52.59
N PHE F 65 -45.21 13.77 51.55
CA PHE F 65 -43.76 13.90 51.74
C PHE F 65 -43.37 15.29 52.19
N VAL F 66 -42.54 15.37 53.22
CA VAL F 66 -42.05 16.66 53.66
C VAL F 66 -40.53 16.53 53.73
N LEU F 67 -39.84 17.60 53.31
CA LEU F 67 -38.39 17.60 53.26
C LEU F 67 -37.77 18.33 54.44
N TYR F 68 -36.91 17.62 55.17
CA TYR F 68 -36.25 18.18 56.35
C TYR F 68 -34.75 18.34 56.20
N PRO F 69 -34.23 19.53 56.54
CA PRO F 69 -32.79 19.74 56.43
C PRO F 69 -32.14 19.18 57.69
N VAL F 70 -31.07 18.41 57.52
CA VAL F 70 -30.37 17.85 58.68
C VAL F 70 -28.92 18.35 58.76
N LYS F 71 -28.52 18.83 59.93
CA LYS F 71 -27.17 19.34 60.15
C LYS F 71 -26.42 18.21 60.83
N TYR F 72 -25.33 17.74 60.24
CA TYR F 72 -24.61 16.63 60.84
C TYR F 72 -23.10 16.66 60.76
N LYS F 73 -22.44 15.99 61.71
CA LYS F 73 -20.98 15.88 61.78
C LYS F 73 -20.56 14.64 61.02
N ALA F 74 -19.53 14.75 60.20
CA ALA F 74 -19.09 13.60 59.44
C ALA F 74 -17.58 13.47 59.37
N ILE F 75 -17.14 12.32 58.90
CA ILE F 75 -15.72 12.07 58.70
C ILE F 75 -15.56 12.04 57.21
N VAL F 76 -14.71 12.90 56.67
CA VAL F 76 -14.52 12.90 55.22
C VAL F 76 -13.04 12.87 54.84
N PHE F 77 -12.78 12.44 53.61
CA PHE F 77 -11.43 12.41 53.09
C PHE F 77 -11.40 13.43 51.96
N ARG F 78 -10.59 14.48 52.12
CA ARG F 78 -10.50 15.51 51.12
C ARG F 78 -9.04 15.70 50.66
N PRO F 79 -8.68 15.11 49.52
CA PRO F 79 -7.32 15.24 49.02
C PRO F 79 -7.05 16.64 48.48
N PHE F 80 -5.80 17.07 48.55
CA PHE F 80 -5.43 18.36 48.04
C PHE F 80 -4.16 18.23 47.21
N LYS F 81 -4.00 19.14 46.26
CA LYS F 81 -2.83 19.18 45.40
C LYS F 81 -1.69 19.60 46.32
N GLY F 82 -0.56 18.89 46.25
CA GLY F 82 0.56 19.25 47.10
C GLY F 82 0.64 18.45 48.38
N GLU F 83 -0.41 17.70 48.65
CA GLU F 83 -0.45 16.89 49.86
C GLU F 83 0.34 15.62 49.67
N VAL F 84 1.08 15.23 50.71
CA VAL F 84 1.88 14.01 50.71
C VAL F 84 1.12 12.96 51.53
N VAL F 85 0.95 11.77 50.97
CA VAL F 85 0.23 10.70 51.65
C VAL F 85 0.76 9.32 51.34
N ASP F 86 0.55 8.40 52.27
CA ASP F 86 1.00 7.04 52.05
C ASP F 86 -0.11 6.37 51.28
N ALA F 87 0.25 5.48 50.36
CA ALA F 87 -0.73 4.78 49.56
C ALA F 87 -0.34 3.33 49.39
N VAL F 88 -1.29 2.52 48.93
CA VAL F 88 -1.06 1.11 48.71
C VAL F 88 -1.04 0.84 47.21
N VAL F 89 0.03 0.22 46.73
CA VAL F 89 0.16 -0.11 45.33
C VAL F 89 -0.83 -1.23 45.00
N THR F 90 -1.74 -0.94 44.07
CA THR F 90 -2.75 -1.90 43.67
C THR F 90 -2.39 -2.65 42.39
N GLN F 91 -1.61 -2.01 41.53
CA GLN F 91 -1.19 -2.62 40.28
C GLN F 91 0.00 -1.91 39.63
N VAL F 92 0.93 -2.71 39.11
CA VAL F 92 2.12 -2.19 38.46
C VAL F 92 1.95 -2.42 36.95
N ASN F 93 1.96 -1.33 36.18
CA ASN F 93 1.80 -1.44 34.73
C ASN F 93 2.98 -0.73 34.12
N LYS F 94 3.14 -0.85 32.81
CA LYS F 94 4.24 -0.17 32.14
C LYS F 94 3.88 1.31 32.08
N VAL F 95 2.60 1.58 32.24
CA VAL F 95 2.08 2.94 32.20
C VAL F 95 2.44 3.73 33.45
N GLY F 96 2.66 3.01 34.54
CA GLY F 96 3.00 3.65 35.79
C GLY F 96 2.46 2.79 36.92
N LEU F 97 2.16 3.43 38.06
CA LEU F 97 1.65 2.75 39.25
C LEU F 97 0.21 3.10 39.63
N PHE F 98 -0.58 2.07 39.89
CA PHE F 98 -1.97 2.25 40.30
C PHE F 98 -1.99 2.01 41.80
N THR F 99 -2.57 2.96 42.54
CA THR F 99 -2.63 2.87 43.99
C THR F 99 -3.99 3.31 44.50
N GLU F 100 -4.21 3.08 45.79
CA GLU F 100 -5.46 3.44 46.46
C GLU F 100 -5.10 4.08 47.80
N ILE F 101 -5.77 5.16 48.14
CA ILE F 101 -5.54 5.85 49.40
C ILE F 101 -6.92 5.80 50.02
N GLY F 102 -7.21 4.71 50.70
CA GLY F 102 -8.54 4.59 51.27
C GLY F 102 -9.49 4.37 50.11
N PRO F 103 -10.49 5.24 49.92
CA PRO F 103 -11.48 5.12 48.84
C PRO F 103 -11.14 5.82 47.54
N MET F 104 -9.94 6.38 47.42
CA MET F 104 -9.58 7.12 46.21
C MET F 104 -8.46 6.49 45.43
N SER F 105 -8.59 6.52 44.10
CA SER F 105 -7.54 5.98 43.24
C SER F 105 -6.53 7.08 42.97
N CYS F 106 -5.27 6.70 42.88
CA CYS F 106 -4.24 7.66 42.58
C CYS F 106 -3.23 7.02 41.67
N PHE F 107 -3.15 7.57 40.47
CA PHE F 107 -2.28 7.09 39.42
C PHE F 107 -0.96 7.84 39.38
N ILE F 108 0.12 7.07 39.25
CA ILE F 108 1.45 7.65 39.17
C ILE F 108 2.03 7.31 37.80
N SER F 109 2.04 8.31 36.93
CA SER F 109 2.56 8.15 35.58
C SER F 109 4.01 7.75 35.60
N ARG F 110 4.39 6.91 34.65
CA ARG F 110 5.77 6.49 34.58
C ARG F 110 6.64 7.75 34.50
N HIS F 111 6.07 8.81 33.97
CA HIS F 111 6.76 10.09 33.82
C HIS F 111 6.99 10.76 35.18
N SER F 112 6.24 10.30 36.18
CA SER F 112 6.35 10.87 37.51
C SER F 112 7.19 10.00 38.44
N ILE F 113 7.60 8.84 37.93
CA ILE F 113 8.43 7.90 38.69
C ILE F 113 9.88 8.14 38.30
N PRO F 114 10.76 8.28 39.29
CA PRO F 114 12.19 8.51 39.06
C PRO F 114 12.75 7.61 37.96
N SER F 115 13.85 8.04 37.35
CA SER F 115 14.48 7.29 36.27
C SER F 115 15.26 6.04 36.71
N GLU F 116 15.83 6.05 37.92
CA GLU F 116 16.58 4.91 38.41
C GLU F 116 15.72 3.65 38.35
N MET F 117 14.43 3.84 38.57
CA MET F 117 13.51 2.72 38.53
C MET F 117 13.45 2.22 37.10
N GLU F 118 12.71 1.15 36.88
CA GLU F 118 12.54 0.58 35.55
C GLU F 118 11.50 -0.51 35.69
N PHE F 119 10.59 -0.59 34.74
CA PHE F 119 9.54 -1.59 34.76
C PHE F 119 10.13 -2.98 34.50
N ASP F 120 9.38 -4.01 34.85
CA ASP F 120 9.79 -5.40 34.63
C ASP F 120 8.57 -6.28 34.66
N PRO F 121 7.99 -6.55 33.49
CA PRO F 121 6.80 -7.39 33.40
C PRO F 121 7.12 -8.86 33.65
N ASN F 122 8.40 -9.15 33.79
CA ASN F 122 8.83 -10.53 33.98
C ASN F 122 9.00 -10.97 35.43
N SER F 123 9.48 -10.07 36.27
CA SER F 123 9.67 -10.37 37.69
C SER F 123 8.54 -11.28 38.19
N ASN F 124 8.83 -12.15 39.16
CA ASN F 124 7.80 -13.06 39.70
C ASN F 124 6.55 -12.21 39.76
N PRO F 125 6.57 -11.12 40.55
CA PRO F 125 5.39 -10.27 40.59
C PRO F 125 5.83 -9.11 39.69
N PRO F 126 4.98 -8.65 38.78
CA PRO F 126 5.48 -7.53 37.97
C PRO F 126 5.98 -6.43 38.91
N CYS F 127 6.93 -5.61 38.49
CA CYS F 127 7.41 -4.59 39.40
C CYS F 127 8.20 -3.44 38.78
N TYR F 128 8.75 -2.62 39.68
CA TYR F 128 9.59 -1.49 39.35
C TYR F 128 10.79 -1.72 40.25
N LYS F 129 11.99 -1.39 39.76
CA LYS F 129 13.20 -1.62 40.54
C LYS F 129 14.40 -1.01 39.88
N THR F 130 15.36 -0.58 40.68
CA THR F 130 16.58 -0.04 40.11
C THR F 130 17.28 -1.32 39.61
N MET F 131 18.14 -1.23 38.60
CA MET F 131 18.83 -2.43 38.08
C MET F 131 19.47 -3.04 39.31
N ASP F 132 19.93 -2.13 40.16
CA ASP F 132 20.57 -2.41 41.42
C ASP F 132 19.87 -3.56 42.15
N GLU F 133 18.54 -3.56 42.11
CA GLU F 133 17.68 -4.55 42.78
C GLU F 133 17.53 -4.07 44.22
N ASP F 134 18.11 -2.89 44.49
CA ASP F 134 18.11 -2.27 45.80
C ASP F 134 16.71 -1.91 46.25
N ILE F 135 15.93 -1.30 45.36
CA ILE F 135 14.56 -0.91 45.67
C ILE F 135 13.56 -1.64 44.79
N VAL F 136 12.46 -2.11 45.38
CA VAL F 136 11.45 -2.83 44.63
C VAL F 136 10.04 -2.49 45.07
N ILE F 137 9.24 -2.05 44.11
CA ILE F 137 7.84 -1.69 44.37
C ILE F 137 6.94 -2.66 43.61
N GLN F 138 6.02 -3.31 44.34
CA GLN F 138 5.10 -4.28 43.74
C GLN F 138 3.72 -4.24 44.41
N GLN F 139 2.77 -4.96 43.83
CA GLN F 139 1.41 -5.03 44.35
C GLN F 139 1.42 -5.18 45.87
N ASP F 140 0.62 -4.35 46.53
CA ASP F 140 0.48 -4.35 47.98
C ASP F 140 1.61 -3.69 48.78
N ASP F 141 2.60 -3.14 48.08
CA ASP F 141 3.68 -2.43 48.77
C ASP F 141 3.13 -1.07 49.19
N GLU F 142 3.74 -0.44 50.18
CA GLU F 142 3.26 0.86 50.61
C GLU F 142 4.21 1.95 50.17
N ILE F 143 3.68 3.00 49.54
CA ILE F 143 4.53 4.09 49.09
C ILE F 143 4.04 5.47 49.45
N ARG F 144 4.99 6.40 49.51
CA ARG F 144 4.72 7.80 49.82
C ARG F 144 4.72 8.56 48.51
N LEU F 145 3.68 9.34 48.28
CA LEU F 145 3.56 10.10 47.06
C LEU F 145 3.04 11.49 47.34
N LYS F 146 3.21 12.38 46.37
CA LYS F 146 2.70 13.73 46.46
C LYS F 146 1.56 13.75 45.45
N ILE F 147 0.39 14.18 45.89
CA ILE F 147 -0.78 14.26 45.02
C ILE F 147 -0.55 15.48 44.15
N VAL F 148 -0.48 15.24 42.86
CA VAL F 148 -0.21 16.30 41.89
C VAL F 148 -1.44 16.83 41.15
N GLY F 149 -2.50 16.03 41.08
CA GLY F 149 -3.67 16.51 40.39
C GLY F 149 -4.90 15.76 40.83
N THR F 150 -6.06 16.36 40.61
CA THR F 150 -7.31 15.73 40.98
C THR F 150 -8.31 15.96 39.86
N ARG F 151 -9.16 14.96 39.63
CA ARG F 151 -10.19 15.06 38.60
C ARG F 151 -11.47 14.55 39.22
N VAL F 152 -12.40 15.47 39.46
CA VAL F 152 -13.68 15.14 40.07
C VAL F 152 -14.79 14.98 39.05
N ASP F 153 -15.71 14.04 39.31
CA ASP F 153 -16.84 13.84 38.42
C ASP F 153 -18.12 13.69 39.25
N LYS F 154 -19.12 13.03 38.66
CA LYS F 154 -20.41 12.83 39.34
C LYS F 154 -20.29 12.62 40.83
N ASN F 155 -19.81 11.45 41.23
CA ASN F 155 -19.68 11.13 42.64
C ASN F 155 -18.35 10.43 42.86
N ASP F 156 -17.25 11.15 42.69
CA ASP F 156 -15.94 10.54 42.86
C ASP F 156 -14.76 11.48 42.55
N ILE F 157 -13.63 11.24 43.21
CA ILE F 157 -12.43 12.03 42.98
C ILE F 157 -11.26 11.12 42.63
N PHE F 158 -10.65 11.40 41.49
CA PHE F 158 -9.50 10.64 41.00
C PHE F 158 -8.28 11.55 41.20
N ALA F 159 -7.15 10.97 41.57
CA ALA F 159 -5.96 11.77 41.77
C ALA F 159 -4.81 11.20 40.97
N ILE F 160 -3.80 12.03 40.74
CA ILE F 160 -2.59 11.60 40.04
C ILE F 160 -1.47 12.10 40.94
N GLY F 161 -0.49 11.25 41.18
CA GLY F 161 0.60 11.62 42.06
C GLY F 161 1.98 11.42 41.49
N SER F 162 2.96 11.95 42.21
CA SER F 162 4.36 11.87 41.81
C SER F 162 5.22 11.25 42.90
N LEU F 163 6.36 10.70 42.48
CA LEU F 163 7.34 10.07 43.37
C LEU F 163 8.67 10.79 43.12
N MET F 164 8.63 11.89 42.40
CA MET F 164 9.84 12.63 42.08
C MET F 164 10.53 13.27 43.27
N ASP F 165 9.84 14.11 44.02
CA ASP F 165 10.46 14.76 45.18
C ASP F 165 11.24 13.84 46.11
N ASP F 166 12.14 14.47 46.87
CA ASP F 166 12.99 13.76 47.83
C ASP F 166 12.17 13.23 48.99
N TYR F 167 12.54 12.05 49.46
CA TYR F 167 11.86 11.41 50.57
C TYR F 167 10.48 10.84 50.26
N LEU F 168 10.22 10.58 48.98
CA LEU F 168 8.95 9.99 48.61
C LEU F 168 9.25 8.53 48.26
N GLY F 169 8.28 7.83 47.68
CA GLY F 169 8.54 6.46 47.32
C GLY F 169 8.18 5.39 48.35
N LEU F 170 8.93 4.30 48.28
CA LEU F 170 8.72 3.13 49.14
C LEU F 170 9.00 3.30 50.64
N VAL F 171 8.17 2.66 51.44
CA VAL F 171 8.26 2.70 52.89
C VAL F 171 8.34 1.29 53.47
N GLU G 24 7.34 -26.90 -38.46
CA GLU G 24 8.25 -28.02 -38.82
C GLU G 24 9.45 -28.13 -37.89
N GLU G 25 10.46 -27.28 -38.09
CA GLU G 25 11.66 -27.28 -37.25
C GLU G 25 11.34 -26.91 -35.80
N ASP G 26 11.91 -27.66 -34.87
CA ASP G 26 11.71 -27.39 -33.44
C ASP G 26 12.92 -27.80 -32.63
N ALA G 27 13.68 -26.81 -32.19
CA ALA G 27 14.90 -27.03 -31.42
C ALA G 27 14.64 -27.82 -30.17
N SER G 28 13.55 -27.54 -29.49
CA SER G 28 13.24 -28.25 -28.26
C SER G 28 13.31 -29.75 -28.49
N GLN G 29 12.96 -30.18 -29.70
CA GLN G 29 12.99 -31.62 -30.02
C GLN G 29 14.14 -31.97 -30.97
N LEU G 30 15.16 -31.12 -31.00
CA LEU G 30 16.31 -31.36 -31.85
C LEU G 30 15.96 -31.60 -33.31
N ILE G 31 14.90 -30.95 -33.79
CA ILE G 31 14.46 -31.07 -35.18
C ILE G 31 15.02 -29.87 -35.93
N PHE G 32 16.18 -30.04 -36.58
CA PHE G 32 16.78 -28.95 -37.32
C PHE G 32 16.71 -29.14 -38.83
N PRO G 33 16.68 -28.04 -39.59
CA PRO G 33 16.61 -28.11 -41.04
C PRO G 33 17.84 -28.69 -41.75
N LYS G 34 17.67 -28.87 -43.05
CA LYS G 34 18.66 -29.40 -43.96
C LYS G 34 20.09 -28.93 -43.72
N GLU G 35 20.35 -27.69 -44.17
CA GLU G 35 21.67 -27.08 -44.08
C GLU G 35 22.42 -27.19 -42.75
N PHE G 36 21.70 -27.32 -41.65
CA PHE G 36 22.38 -27.42 -40.36
C PHE G 36 22.46 -28.83 -39.80
N GLU G 37 22.95 -29.76 -40.60
CA GLU G 37 23.10 -31.13 -40.17
C GLU G 37 24.60 -31.37 -40.05
N THR G 38 25.33 -30.76 -41.00
CA THR G 38 26.77 -30.88 -41.07
C THR G 38 27.48 -29.72 -40.38
N ALA G 39 26.74 -28.64 -40.13
CA ALA G 39 27.28 -27.44 -39.51
C ALA G 39 27.73 -27.66 -38.07
N GLU G 40 28.76 -26.93 -37.67
CA GLU G 40 29.26 -27.03 -36.31
C GLU G 40 28.75 -25.82 -35.55
N THR G 41 28.46 -26.00 -34.27
CA THR G 41 27.97 -24.92 -33.44
C THR G 41 29.13 -24.20 -32.76
N LEU G 42 28.91 -22.92 -32.43
CA LEU G 42 29.90 -22.08 -31.78
C LEU G 42 29.34 -21.41 -30.55
N LEU G 43 30.11 -21.37 -29.48
CA LEU G 43 29.65 -20.72 -28.26
C LEU G 43 29.80 -19.22 -28.46
N ASN G 44 28.97 -18.44 -27.77
CA ASN G 44 29.06 -16.99 -27.90
C ASN G 44 30.52 -16.59 -27.70
N SER G 45 31.16 -17.16 -26.69
CA SER G 45 32.55 -16.84 -26.40
C SER G 45 33.46 -17.08 -27.60
N GLU G 46 33.31 -18.24 -28.25
CA GLU G 46 34.14 -18.57 -29.40
C GLU G 46 33.87 -17.57 -30.51
N VAL G 47 32.60 -17.25 -30.72
CA VAL G 47 32.25 -16.29 -31.75
C VAL G 47 32.92 -14.95 -31.44
N HIS G 48 32.76 -14.46 -30.22
CA HIS G 48 33.36 -13.18 -29.86
C HIS G 48 34.84 -13.11 -30.23
N MET G 49 35.57 -14.20 -29.99
CA MET G 49 36.99 -14.23 -30.32
C MET G 49 37.19 -14.11 -31.81
N LEU G 50 36.49 -14.96 -32.56
CA LEU G 50 36.56 -14.94 -34.01
C LEU G 50 36.30 -13.54 -34.52
N LEU G 51 35.20 -12.93 -34.09
CA LEU G 51 34.87 -11.58 -34.54
C LEU G 51 35.91 -10.57 -34.05
N GLU G 52 36.41 -10.79 -32.84
CA GLU G 52 37.40 -9.89 -32.27
C GLU G 52 38.65 -9.98 -33.12
N HIS G 53 38.86 -11.14 -33.73
CA HIS G 53 40.01 -11.38 -34.60
C HIS G 53 39.85 -10.59 -35.91
N ARG G 54 38.71 -10.78 -36.57
CA ARG G 54 38.39 -10.11 -37.84
C ARG G 54 38.58 -8.61 -37.68
N LYS G 55 38.10 -8.06 -36.58
CA LYS G 55 38.21 -6.63 -36.34
C LYS G 55 39.68 -6.24 -36.26
N GLN G 56 40.51 -7.16 -35.78
CA GLN G 56 41.94 -6.93 -35.64
C GLN G 56 42.61 -6.91 -37.02
N GLN G 57 42.03 -7.64 -37.95
CA GLN G 57 42.56 -7.71 -39.31
C GLN G 57 42.02 -6.55 -40.14
N ASN G 58 40.95 -5.93 -39.65
CA ASN G 58 40.32 -4.81 -40.33
C ASN G 58 40.97 -3.53 -39.80
N GLU G 59 41.17 -3.47 -38.50
CA GLU G 59 41.80 -2.31 -37.87
C GLU G 59 43.08 -2.04 -38.63
N SER G 60 44.10 -2.86 -38.40
CA SER G 60 45.37 -2.70 -39.10
C SER G 60 45.17 -3.17 -40.55
N ALA G 61 46.04 -2.70 -41.44
CA ALA G 61 45.98 -3.05 -42.86
C ALA G 61 44.88 -2.28 -43.59
N GLU G 62 45.10 -0.98 -43.79
CA GLU G 62 44.13 -0.13 -44.47
C GLU G 62 43.81 -0.71 -45.86
N ASP G 63 42.77 -0.15 -46.47
CA ASP G 63 42.29 -0.54 -47.80
C ASP G 63 40.98 -1.31 -47.72
N GLU G 64 40.47 -1.51 -46.50
CA GLU G 64 39.20 -2.20 -46.33
C GLU G 64 38.23 -1.30 -45.55
N GLN G 65 37.00 -1.16 -46.05
CA GLN G 65 36.00 -0.32 -45.40
C GLN G 65 35.56 -0.87 -44.05
N GLU G 66 34.92 -0.02 -43.25
CA GLU G 66 34.44 -0.42 -41.93
C GLU G 66 33.48 -1.60 -42.02
N LEU G 67 33.49 -2.45 -41.00
CA LEU G 67 32.63 -3.63 -40.97
C LEU G 67 31.15 -3.23 -40.86
N SER G 68 30.26 -4.11 -41.30
CA SER G 68 28.83 -3.82 -41.29
C SER G 68 28.23 -3.68 -39.90
N GLU G 69 27.01 -3.16 -39.84
CA GLU G 69 26.33 -2.98 -38.57
C GLU G 69 25.95 -4.34 -38.00
N VAL G 70 25.55 -5.26 -38.87
CA VAL G 70 25.22 -6.59 -38.41
C VAL G 70 26.42 -7.18 -37.66
N PHE G 71 27.64 -6.81 -38.10
CA PHE G 71 28.87 -7.29 -37.47
C PHE G 71 29.02 -6.72 -36.07
N MET G 72 28.94 -5.40 -35.98
CA MET G 72 29.08 -4.69 -34.72
C MET G 72 28.08 -5.15 -33.65
N LYS G 73 26.81 -5.30 -34.04
CA LYS G 73 25.81 -5.71 -33.08
C LYS G 73 26.12 -7.11 -32.58
N THR G 74 26.69 -7.93 -33.46
CA THR G 74 27.02 -9.29 -33.07
C THR G 74 28.26 -9.33 -32.20
N LEU G 75 29.17 -8.40 -32.42
CA LEU G 75 30.38 -8.35 -31.63
C LEU G 75 30.04 -7.96 -30.21
N ASN G 76 29.19 -6.96 -30.07
CA ASN G 76 28.80 -6.49 -28.75
C ASN G 76 27.97 -7.49 -27.99
N TYR G 77 26.97 -8.07 -28.64
CA TYR G 77 26.12 -9.07 -28.00
C TYR G 77 26.99 -10.23 -27.53
N THR G 78 27.76 -10.74 -28.47
CA THR G 78 28.63 -11.87 -28.21
C THR G 78 29.55 -11.62 -27.02
N ALA G 79 30.10 -10.41 -26.93
CA ALA G 79 30.99 -10.05 -25.84
C ALA G 79 30.22 -9.94 -24.54
N ARG G 80 29.07 -9.30 -24.61
CA ARG G 80 28.22 -9.10 -23.45
C ARG G 80 27.74 -10.37 -22.78
N PHE G 81 27.59 -11.44 -23.56
CA PHE G 81 27.12 -12.68 -22.97
C PHE G 81 28.14 -13.79 -22.87
N SER G 82 29.39 -13.50 -23.24
CA SER G 82 30.44 -14.51 -23.18
C SER G 82 30.67 -14.99 -21.74
N ARG G 83 30.59 -16.30 -21.54
CA ARG G 83 30.78 -16.87 -20.22
C ARG G 83 32.21 -17.34 -20.02
N PHE G 84 32.93 -17.54 -21.11
CA PHE G 84 34.30 -17.99 -21.04
C PHE G 84 35.19 -17.08 -21.88
N LYS G 85 35.77 -16.07 -21.24
CA LYS G 85 36.65 -15.13 -21.91
C LYS G 85 38.11 -15.62 -21.76
N ASN G 86 38.55 -16.46 -22.69
CA ASN G 86 39.88 -17.06 -22.66
C ASN G 86 39.86 -18.31 -23.56
N ARG G 87 40.60 -18.26 -24.67
CA ARG G 87 40.63 -19.37 -25.62
C ARG G 87 40.76 -20.78 -25.07
N GLU G 88 41.75 -21.00 -24.22
CA GLU G 88 41.95 -22.33 -23.66
C GLU G 88 40.80 -22.77 -22.78
N THR G 89 40.24 -21.85 -21.99
CA THR G 89 39.11 -22.21 -21.14
C THR G 89 38.02 -22.77 -22.02
N ILE G 90 37.63 -21.99 -23.02
CA ILE G 90 36.60 -22.38 -23.97
C ILE G 90 36.85 -23.82 -24.41
N ALA G 91 38.11 -24.15 -24.66
CA ALA G 91 38.48 -25.48 -25.11
C ALA G 91 38.03 -26.57 -24.15
N SER G 92 38.43 -26.47 -22.88
CA SER G 92 38.05 -27.46 -21.88
C SER G 92 36.53 -27.60 -21.74
N VAL G 93 35.82 -26.49 -21.82
CA VAL G 93 34.36 -26.52 -21.71
C VAL G 93 33.83 -27.36 -22.87
N ARG G 94 34.36 -27.07 -24.05
CA ARG G 94 34.00 -27.75 -25.29
C ARG G 94 34.18 -29.25 -25.18
N SER G 95 35.37 -29.71 -24.83
CA SER G 95 35.63 -31.14 -24.75
C SER G 95 34.85 -31.83 -23.63
N LEU G 96 34.82 -31.21 -22.45
CA LEU G 96 34.10 -31.78 -21.32
C LEU G 96 32.70 -32.17 -21.77
N LEU G 97 32.02 -31.24 -22.42
CA LEU G 97 30.67 -31.47 -22.91
C LEU G 97 30.70 -32.44 -24.09
N LEU G 98 31.80 -32.40 -24.82
CA LEU G 98 31.97 -33.24 -26.00
C LEU G 98 31.94 -34.74 -25.71
N GLN G 99 32.49 -35.15 -24.58
CA GLN G 99 32.48 -36.56 -24.22
C GLN G 99 31.26 -36.84 -23.35
N LYS G 100 30.11 -36.48 -23.89
CA LYS G 100 28.85 -36.67 -23.20
C LYS G 100 27.78 -36.83 -24.30
N LYS G 101 26.74 -37.61 -24.01
CA LYS G 101 25.66 -37.83 -24.99
C LYS G 101 24.93 -36.51 -25.24
N LEU G 102 25.61 -35.59 -25.93
CA LEU G 102 25.04 -34.27 -26.22
C LEU G 102 25.10 -33.91 -27.69
N HIS G 103 24.01 -33.38 -28.19
CA HIS G 103 23.92 -32.95 -29.58
C HIS G 103 24.59 -31.57 -29.66
N LYS G 104 25.25 -31.29 -30.77
CA LYS G 104 25.94 -30.00 -30.95
C LYS G 104 25.14 -28.80 -30.47
N PHE G 105 23.84 -28.81 -30.75
CA PHE G 105 22.98 -27.70 -30.34
C PHE G 105 22.87 -27.59 -28.81
N GLU G 106 22.77 -28.74 -28.15
CA GLU G 106 22.66 -28.79 -26.68
C GLU G 106 23.98 -28.35 -26.04
N LEU G 107 25.09 -28.86 -26.58
CA LEU G 107 26.41 -28.51 -26.07
C LEU G 107 26.54 -27.00 -26.08
N ALA G 108 26.35 -26.39 -27.26
CA ALA G 108 26.44 -24.94 -27.40
C ALA G 108 25.44 -24.23 -26.50
N CYS G 109 24.27 -24.83 -26.36
CA CYS G 109 23.23 -24.22 -25.56
C CYS G 109 23.59 -24.16 -24.09
N LEU G 110 24.12 -25.27 -23.55
CA LEU G 110 24.51 -25.32 -22.15
C LEU G 110 25.59 -24.28 -21.85
N ALA G 111 26.67 -24.32 -22.64
CA ALA G 111 27.79 -23.40 -22.49
C ALA G 111 27.32 -21.95 -22.50
N ASN G 112 26.46 -21.62 -23.47
CA ASN G 112 25.93 -20.28 -23.63
C ASN G 112 25.01 -19.88 -22.48
N LEU G 113 24.03 -20.71 -22.16
CA LEU G 113 23.08 -20.38 -21.09
C LEU G 113 23.57 -20.57 -19.67
N CYS G 114 24.42 -21.59 -19.46
CA CYS G 114 24.97 -21.90 -18.14
C CYS G 114 23.93 -22.05 -17.04
N PRO G 115 23.00 -23.01 -17.17
CA PRO G 115 21.99 -23.15 -16.10
C PRO G 115 22.71 -23.68 -14.85
N GLU G 116 22.19 -23.37 -13.66
CA GLU G 116 22.81 -23.78 -12.40
C GLU G 116 22.35 -25.13 -11.84
N THR G 117 21.08 -25.46 -12.06
CA THR G 117 20.55 -26.70 -11.52
C THR G 117 20.11 -27.66 -12.61
N ALA G 118 20.07 -28.94 -12.26
CA ALA G 118 19.65 -29.94 -13.21
C ALA G 118 18.27 -29.56 -13.72
N GLU G 119 17.38 -29.20 -12.80
CA GLU G 119 16.01 -28.85 -13.17
C GLU G 119 15.87 -27.68 -14.14
N GLU G 120 16.60 -26.60 -13.89
CA GLU G 120 16.55 -25.44 -14.78
C GLU G 120 17.03 -25.87 -16.15
N SER G 121 18.01 -26.76 -16.14
CA SER G 121 18.58 -27.28 -17.37
C SER G 121 17.51 -27.93 -18.24
N LYS G 122 16.90 -28.99 -17.72
CA LYS G 122 15.85 -29.72 -18.43
C LYS G 122 14.76 -28.77 -18.90
N ALA G 123 14.50 -27.73 -18.11
CA ALA G 123 13.46 -26.79 -18.48
C ALA G 123 13.81 -25.99 -19.75
N LEU G 124 15.04 -25.47 -19.79
CA LEU G 124 15.50 -24.68 -20.92
C LEU G 124 15.85 -25.53 -22.13
N ILE G 125 16.29 -26.74 -21.89
CA ILE G 125 16.69 -27.61 -22.98
C ILE G 125 15.98 -28.96 -22.85
N PRO G 126 14.66 -28.96 -23.05
CA PRO G 126 13.80 -30.14 -22.97
C PRO G 126 14.40 -31.40 -23.55
N SER G 127 15.11 -31.26 -24.66
CA SER G 127 15.72 -32.42 -25.28
C SER G 127 16.63 -33.17 -24.30
N LEU G 128 16.95 -32.54 -23.18
CA LEU G 128 17.83 -33.18 -22.19
C LEU G 128 17.08 -34.14 -21.26
N GLU G 129 15.75 -34.01 -21.22
CA GLU G 129 14.96 -34.86 -20.36
C GLU G 129 15.33 -36.32 -20.61
N GLY G 130 15.59 -37.06 -19.53
CA GLY G 130 15.93 -38.46 -19.69
C GLY G 130 17.29 -38.82 -20.28
N ARG G 131 18.16 -37.84 -20.50
CA ARG G 131 19.48 -38.14 -21.04
C ARG G 131 20.39 -38.68 -19.95
N PHE G 132 20.51 -37.92 -18.86
CA PHE G 132 21.33 -38.32 -17.74
C PHE G 132 20.52 -38.42 -16.46
N GLU G 133 21.10 -39.03 -15.45
CA GLU G 133 20.44 -39.16 -14.15
C GLU G 133 20.66 -37.77 -13.59
N ASP G 134 19.68 -37.20 -12.91
CA ASP G 134 19.85 -35.85 -12.35
C ASP G 134 21.20 -35.60 -11.66
N GLU G 135 21.76 -36.62 -11.02
CA GLU G 135 23.05 -36.47 -10.33
C GLU G 135 24.17 -36.11 -11.29
N GLU G 136 24.16 -36.75 -12.47
CA GLU G 136 25.20 -36.54 -13.47
C GLU G 136 25.04 -35.22 -14.21
N LEU G 137 23.80 -34.87 -14.54
CA LEU G 137 23.55 -33.62 -15.26
C LEU G 137 24.03 -32.44 -14.43
N GLN G 138 23.80 -32.51 -13.13
CA GLN G 138 24.20 -31.44 -12.23
C GLN G 138 25.72 -31.34 -12.17
N GLN G 139 26.37 -32.48 -12.28
CA GLN G 139 27.83 -32.52 -12.25
C GLN G 139 28.35 -31.75 -13.45
N ILE G 140 27.72 -31.96 -14.59
CA ILE G 140 28.12 -31.27 -15.81
C ILE G 140 27.97 -29.77 -15.60
N LEU G 141 26.78 -29.37 -15.17
CA LEU G 141 26.51 -27.97 -14.90
C LEU G 141 27.58 -27.40 -13.97
N ASP G 142 27.94 -28.15 -12.94
CA ASP G 142 28.95 -27.70 -11.99
C ASP G 142 30.32 -27.57 -12.62
N ASP G 143 30.72 -28.55 -13.41
CA ASP G 143 32.03 -28.51 -14.06
C ASP G 143 32.08 -27.30 -14.97
N ILE G 144 30.95 -27.00 -15.61
CA ILE G 144 30.88 -25.85 -16.51
C ILE G 144 30.96 -24.56 -15.70
N GLN G 145 30.22 -24.51 -14.60
CA GLN G 145 30.22 -23.34 -13.73
C GLN G 145 31.64 -23.07 -13.23
N THR G 146 32.41 -24.14 -13.03
CA THR G 146 33.78 -24.02 -12.56
C THR G 146 34.64 -23.15 -13.49
N LYS G 147 34.74 -23.56 -14.74
CA LYS G 147 35.51 -22.83 -15.74
C LYS G 147 35.05 -21.39 -15.97
N ARG G 148 33.96 -20.98 -15.33
CA ARG G 148 33.48 -19.61 -15.51
C ARG G 148 34.56 -18.55 -15.27
N SER G 149 34.79 -17.73 -16.30
CA SER G 149 35.80 -16.66 -16.25
C SER G 149 35.19 -15.32 -15.85
N MET H 1 21.26 -19.52 -32.30
CA MET H 1 22.45 -20.41 -32.31
C MET H 1 23.42 -19.91 -33.38
N PHE H 2 24.71 -19.93 -33.06
CA PHE H 2 25.73 -19.49 -34.00
C PHE H 2 26.38 -20.73 -34.57
N TYR H 3 26.58 -20.76 -35.87
CA TYR H 3 27.22 -21.90 -36.50
C TYR H 3 28.44 -21.46 -37.29
N HIS H 4 29.24 -22.44 -37.67
CA HIS H 4 30.42 -22.22 -38.47
C HIS H 4 30.14 -23.17 -39.61
N ILE H 5 29.73 -22.66 -40.76
CA ILE H 5 29.43 -23.55 -41.84
C ILE H 5 29.89 -23.07 -43.21
N SER H 6 29.87 -24.00 -44.16
CA SER H 6 30.30 -23.72 -45.52
C SER H 6 29.19 -23.17 -46.36
N LEU H 7 29.53 -22.16 -47.13
CA LEU H 7 28.58 -21.51 -47.99
C LEU H 7 29.12 -21.42 -49.41
N GLU H 8 28.19 -21.31 -50.33
CA GLU H 8 28.49 -21.17 -51.73
C GLU H 8 27.94 -19.81 -52.10
N HIS H 9 28.59 -19.18 -53.05
CA HIS H 9 28.15 -17.89 -53.52
C HIS H 9 29.00 -17.51 -54.70
N GLU H 10 28.36 -17.05 -55.77
CA GLU H 10 29.11 -16.69 -56.96
C GLU H 10 29.53 -15.23 -57.00
N ILE H 11 30.74 -15.01 -57.50
CA ILE H 11 31.34 -13.70 -57.61
C ILE H 11 31.54 -13.25 -59.05
N LEU H 12 31.21 -11.99 -59.31
CA LEU H 12 31.36 -11.44 -60.64
C LEU H 12 32.69 -10.71 -60.59
N LEU H 13 33.59 -11.02 -61.52
CA LEU H 13 34.89 -10.37 -61.54
C LEU H 13 35.20 -9.78 -62.92
N HIS H 14 36.03 -8.74 -62.94
CA HIS H 14 36.40 -8.07 -64.18
C HIS H 14 37.83 -7.55 -64.18
N PRO H 15 38.63 -7.94 -65.19
CA PRO H 15 40.03 -7.54 -65.34
C PRO H 15 40.31 -6.08 -65.01
N ARG H 16 39.58 -5.17 -65.62
CA ARG H 16 39.78 -3.74 -65.38
C ARG H 16 39.80 -3.38 -63.89
N TYR H 17 39.33 -4.27 -63.03
CA TYR H 17 39.25 -3.93 -61.59
C TYR H 17 39.83 -4.95 -60.63
N PHE H 18 41.06 -5.39 -60.87
CA PHE H 18 41.65 -6.41 -60.01
C PHE H 18 42.60 -6.02 -58.88
N GLY H 19 42.89 -4.75 -58.68
CA GLY H 19 43.82 -4.46 -57.61
C GLY H 19 45.15 -5.15 -57.91
N PRO H 20 46.12 -5.18 -56.97
CA PRO H 20 47.36 -5.87 -57.37
C PRO H 20 47.53 -7.27 -56.78
N ASN H 21 46.78 -7.56 -55.72
CA ASN H 21 46.85 -8.86 -55.06
C ASN H 21 45.68 -9.73 -55.53
N LEU H 22 45.98 -10.91 -56.09
CA LEU H 22 44.92 -11.77 -56.58
C LEU H 22 43.88 -12.21 -55.56
N LEU H 23 44.32 -12.83 -54.47
CA LEU H 23 43.37 -13.32 -53.46
C LEU H 23 42.68 -12.23 -52.65
N ASN H 24 43.38 -11.13 -52.40
CA ASN H 24 42.79 -10.04 -51.63
C ASN H 24 41.63 -9.45 -52.42
N THR H 25 41.82 -9.35 -53.73
CA THR H 25 40.78 -8.82 -54.61
C THR H 25 39.57 -9.74 -54.59
N VAL H 26 39.79 -11.04 -54.45
CA VAL H 26 38.69 -11.99 -54.42
C VAL H 26 37.92 -11.93 -53.10
N LYS H 27 38.65 -11.75 -52.00
CA LYS H 27 38.05 -11.66 -50.67
C LYS H 27 37.15 -10.45 -50.54
N GLN H 28 37.71 -9.26 -50.78
CA GLN H 28 36.93 -8.04 -50.67
C GLN H 28 35.60 -8.27 -51.39
N LYS H 29 35.68 -8.68 -52.66
CA LYS H 29 34.48 -8.93 -53.45
C LYS H 29 33.50 -9.89 -52.76
N LEU H 30 34.02 -10.94 -52.14
CA LEU H 30 33.13 -11.88 -51.45
C LEU H 30 32.53 -11.27 -50.18
N PHE H 31 33.38 -10.66 -49.36
CA PHE H 31 32.93 -10.05 -48.11
C PHE H 31 31.81 -9.08 -48.33
N THR H 32 32.06 -8.10 -49.18
CA THR H 32 31.06 -7.09 -49.47
C THR H 32 29.77 -7.74 -49.95
N GLU H 33 29.87 -8.84 -50.66
CA GLU H 33 28.66 -9.48 -51.15
C GLU H 33 27.93 -10.37 -50.18
N VAL H 34 28.57 -10.80 -49.09
CA VAL H 34 27.87 -11.69 -48.18
C VAL H 34 27.75 -11.31 -46.72
N GLU H 35 28.73 -10.59 -46.17
CA GLU H 35 28.66 -10.25 -44.75
C GLU H 35 27.56 -9.25 -44.47
N GLY H 36 26.78 -9.53 -43.43
CA GLY H 36 25.71 -8.63 -43.07
C GLY H 36 24.41 -8.94 -43.79
N THR H 37 24.45 -9.97 -44.64
CA THR H 37 23.27 -10.38 -45.39
C THR H 37 22.54 -11.45 -44.61
N CYS H 38 21.36 -11.81 -45.10
CA CYS H 38 20.56 -12.81 -44.41
C CYS H 38 19.63 -13.54 -45.35
N THR H 39 19.43 -14.82 -45.06
CA THR H 39 18.51 -15.63 -45.84
C THR H 39 17.74 -16.44 -44.83
N GLY H 40 16.59 -16.94 -45.25
CA GLY H 40 15.82 -17.74 -44.32
C GLY H 40 16.53 -19.06 -44.14
N LYS H 41 17.12 -19.55 -45.23
CA LYS H 41 17.79 -20.83 -45.22
C LYS H 41 19.01 -20.90 -44.30
N TYR H 42 19.90 -19.91 -44.37
CA TYR H 42 21.08 -19.95 -43.53
C TYR H 42 21.13 -18.91 -42.42
N GLY H 43 20.27 -17.90 -42.49
CA GLY H 43 20.27 -16.88 -41.46
C GLY H 43 21.20 -15.72 -41.76
N PHE H 44 21.57 -14.98 -40.73
CA PHE H 44 22.47 -13.85 -40.92
C PHE H 44 23.91 -14.33 -41.11
N VAL H 45 24.61 -13.76 -42.08
CA VAL H 45 26.03 -14.08 -42.32
C VAL H 45 26.80 -13.02 -41.53
N ILE H 46 27.40 -13.40 -40.42
CA ILE H 46 28.11 -12.47 -39.57
C ILE H 46 29.47 -12.05 -40.15
N ALA H 47 30.30 -13.05 -40.43
CA ALA H 47 31.62 -12.81 -40.99
C ALA H 47 32.17 -14.05 -41.69
N VAL H 48 32.90 -13.81 -42.77
CA VAL H 48 33.51 -14.86 -43.54
C VAL H 48 34.82 -15.26 -42.88
N THR H 49 34.97 -16.57 -42.65
CA THR H 49 36.16 -17.09 -42.01
C THR H 49 37.25 -17.41 -43.00
N THR H 50 37.03 -18.44 -43.81
CA THR H 50 38.02 -18.84 -44.78
C THR H 50 37.37 -19.03 -46.13
N ILE H 51 38.20 -19.10 -47.17
CA ILE H 51 37.72 -19.35 -48.52
C ILE H 51 38.36 -20.68 -48.83
N ASP H 52 37.54 -21.72 -48.90
CA ASP H 52 38.00 -23.07 -49.17
C ASP H 52 38.29 -23.33 -50.65
N ASN H 53 37.66 -22.59 -51.55
CA ASN H 53 37.88 -22.84 -52.96
C ASN H 53 37.26 -21.84 -53.94
N ILE H 54 37.93 -21.65 -55.07
CA ILE H 54 37.47 -20.76 -56.14
C ILE H 54 37.36 -21.63 -57.40
N GLY H 55 36.13 -21.98 -57.76
CA GLY H 55 35.92 -22.84 -58.91
C GLY H 55 36.05 -22.23 -60.29
N ALA H 56 35.83 -23.06 -61.29
CA ALA H 56 35.93 -22.62 -62.68
C ALA H 56 34.95 -21.50 -62.95
N GLY H 57 35.48 -20.38 -63.44
CA GLY H 57 34.66 -19.22 -63.75
C GLY H 57 33.95 -19.38 -65.08
N VAL H 58 32.78 -18.75 -65.20
CA VAL H 58 32.02 -18.83 -66.42
C VAL H 58 31.99 -17.45 -67.07
N ILE H 59 32.39 -17.39 -68.33
CA ILE H 59 32.40 -16.12 -69.07
C ILE H 59 30.97 -15.61 -69.27
N GLN H 60 30.73 -14.37 -68.88
CA GLN H 60 29.40 -13.80 -69.02
C GLN H 60 29.27 -13.04 -70.35
N PRO H 61 28.05 -12.87 -70.85
CA PRO H 61 27.87 -12.15 -72.12
C PRO H 61 28.43 -10.74 -72.05
N GLY H 62 28.65 -10.26 -70.83
CA GLY H 62 29.19 -8.93 -70.68
C GLY H 62 30.46 -8.74 -71.48
N ARG H 63 31.11 -7.59 -71.31
CA ARG H 63 32.34 -7.33 -72.03
C ARG H 63 33.57 -7.64 -71.16
N GLY H 64 33.75 -8.91 -70.81
CA GLY H 64 34.90 -9.27 -70.00
C GLY H 64 34.61 -9.82 -68.62
N PHE H 65 33.37 -9.70 -68.15
CA PHE H 65 32.99 -10.23 -66.83
C PHE H 65 32.87 -11.73 -66.83
N VAL H 66 33.48 -12.37 -65.84
CA VAL H 66 33.35 -13.82 -65.71
C VAL H 66 32.91 -14.08 -64.27
N LEU H 67 32.02 -15.05 -64.12
CA LEU H 67 31.45 -15.37 -62.83
C LEU H 67 32.11 -16.60 -62.20
N TYR H 68 32.65 -16.43 -60.99
CA TYR H 68 33.33 -17.51 -60.28
C TYR H 68 32.62 -17.95 -59.01
N PRO H 69 32.42 -19.26 -58.86
CA PRO H 69 31.74 -19.75 -57.66
C PRO H 69 32.79 -19.87 -56.56
N VAL H 70 32.49 -19.36 -55.36
CA VAL H 70 33.42 -19.44 -54.25
C VAL H 70 32.85 -20.25 -53.09
N LYS H 71 33.61 -21.21 -52.60
CA LYS H 71 33.20 -22.06 -51.48
C LYS H 71 33.86 -21.45 -50.24
N TYR H 72 33.08 -21.06 -49.24
CA TYR H 72 33.68 -20.44 -48.07
C TYR H 72 33.06 -20.80 -46.71
N LYS H 73 33.85 -20.67 -45.66
CA LYS H 73 33.42 -20.95 -44.28
C LYS H 73 32.95 -19.63 -43.69
N ALA H 74 31.82 -19.66 -42.99
CA ALA H 74 31.31 -18.44 -42.39
C ALA H 74 30.76 -18.66 -41.00
N ILE H 75 30.49 -17.54 -40.33
CA ILE H 75 29.89 -17.56 -39.01
C ILE H 75 28.49 -17.04 -39.24
N VAL H 76 27.48 -17.84 -38.91
CA VAL H 76 26.12 -17.35 -39.07
C VAL H 76 25.26 -17.53 -37.82
N PHE H 77 24.19 -16.75 -37.76
CA PHE H 77 23.25 -16.84 -36.66
C PHE H 77 21.95 -17.36 -37.26
N ARG H 78 21.53 -18.53 -36.82
CA ARG H 78 20.30 -19.13 -37.34
C ARG H 78 19.35 -19.47 -36.20
N PRO H 79 18.35 -18.61 -35.96
CA PRO H 79 17.38 -18.84 -34.89
C PRO H 79 16.43 -19.97 -35.26
N PHE H 80 15.97 -20.68 -34.24
CA PHE H 80 15.02 -21.75 -34.45
C PHE H 80 13.87 -21.63 -33.47
N LYS H 81 12.70 -22.12 -33.88
CA LYS H 81 11.52 -22.12 -33.04
C LYS H 81 11.82 -23.09 -31.92
N GLY H 82 11.56 -22.69 -30.67
CA GLY H 82 11.82 -23.57 -29.55
C GLY H 82 13.17 -23.35 -28.89
N GLU H 83 13.99 -22.53 -29.52
CA GLU H 83 15.31 -22.23 -28.99
C GLU H 83 15.22 -21.18 -27.90
N VAL H 84 15.99 -21.39 -26.83
CA VAL H 84 16.04 -20.46 -25.71
C VAL H 84 17.31 -19.64 -25.82
N VAL H 85 17.20 -18.33 -25.73
CA VAL H 85 18.37 -17.46 -25.85
C VAL H 85 18.26 -16.23 -24.98
N ASP H 86 19.42 -15.67 -24.64
CA ASP H 86 19.44 -14.46 -23.83
C ASP H 86 19.33 -13.31 -24.82
N ALA H 87 18.61 -12.27 -24.42
CA ALA H 87 18.42 -11.12 -25.29
C ALA H 87 18.55 -9.84 -24.49
N VAL H 88 18.67 -8.72 -25.20
CA VAL H 88 18.77 -7.41 -24.57
C VAL H 88 17.50 -6.63 -24.85
N VAL H 89 16.85 -6.15 -23.79
CA VAL H 89 15.64 -5.38 -23.93
C VAL H 89 15.99 -4.02 -24.54
N THR H 90 15.41 -3.73 -25.69
CA THR H 90 15.67 -2.48 -26.38
C THR H 90 14.61 -1.42 -26.14
N GLN H 91 13.39 -1.87 -25.86
CA GLN H 91 12.28 -0.94 -25.59
C GLN H 91 11.09 -1.61 -24.91
N VAL H 92 10.53 -0.91 -23.92
CA VAL H 92 9.38 -1.42 -23.18
C VAL H 92 8.16 -0.63 -23.63
N ASN H 93 7.16 -1.33 -24.19
CA ASN H 93 5.94 -0.69 -24.67
C ASN H 93 4.78 -1.39 -24.00
N LYS H 94 3.59 -0.82 -24.12
CA LYS H 94 2.42 -1.44 -23.52
C LYS H 94 2.09 -2.67 -24.36
N VAL H 95 2.61 -2.68 -25.58
CA VAL H 95 2.37 -3.78 -26.51
C VAL H 95 3.15 -5.04 -26.13
N GLY H 96 4.25 -4.84 -25.42
CA GLY H 96 5.09 -5.96 -25.00
C GLY H 96 6.51 -5.45 -24.93
N LEU H 97 7.47 -6.36 -25.13
CA LEU H 97 8.90 -6.06 -25.05
C LEU H 97 9.65 -6.19 -26.38
N PHE H 98 10.45 -5.17 -26.69
CA PHE H 98 11.25 -5.17 -27.89
C PHE H 98 12.66 -5.51 -27.46
N THR H 99 13.28 -6.48 -28.13
CA THR H 99 14.62 -6.93 -27.79
C THR H 99 15.42 -7.18 -29.04
N GLU H 100 16.73 -7.40 -28.84
CA GLU H 100 17.69 -7.69 -29.91
C GLU H 100 18.60 -8.83 -29.44
N ILE H 101 18.82 -9.79 -30.33
CA ILE H 101 19.68 -10.92 -30.04
C ILE H 101 20.72 -10.79 -31.13
N GLY H 102 21.74 -9.99 -30.85
CA GLY H 102 22.75 -9.80 -31.87
C GLY H 102 22.10 -8.95 -32.95
N PRO H 103 22.05 -9.43 -34.21
CA PRO H 103 21.46 -8.68 -35.33
C PRO H 103 19.98 -8.93 -35.58
N MET H 104 19.31 -9.67 -34.72
CA MET H 104 17.91 -9.97 -34.96
C MET H 104 16.97 -9.38 -33.92
N SER H 105 15.82 -8.88 -34.38
CA SER H 105 14.83 -8.34 -33.47
C SER H 105 13.93 -9.46 -32.99
N CYS H 106 13.50 -9.37 -31.74
CA CYS H 106 12.62 -10.38 -31.20
C CYS H 106 11.63 -9.70 -30.30
N PHE H 107 10.37 -9.77 -30.72
CA PHE H 107 9.25 -9.16 -30.04
C PHE H 107 8.55 -10.11 -29.09
N ILE H 108 8.28 -9.62 -27.90
CA ILE H 108 7.57 -10.42 -26.90
C ILE H 108 6.24 -9.76 -26.61
N SER H 109 5.18 -10.35 -27.14
CA SER H 109 3.83 -9.83 -26.97
C SER H 109 3.43 -9.81 -25.52
N ARG H 110 2.69 -8.78 -25.12
CA ARG H 110 2.25 -8.70 -23.74
C ARG H 110 1.53 -10.00 -23.39
N HIS H 111 0.98 -10.65 -24.40
CA HIS H 111 0.25 -11.90 -24.24
C HIS H 111 1.19 -13.05 -23.93
N SER H 112 2.47 -12.83 -24.19
CA SER H 112 3.48 -13.86 -23.95
C SER H 112 4.26 -13.60 -22.65
N ILE H 113 3.98 -12.46 -22.02
CA ILE H 113 4.62 -12.09 -20.77
C ILE H 113 3.70 -12.51 -19.63
N PRO H 114 4.24 -13.18 -18.61
CA PRO H 114 3.47 -13.63 -17.46
C PRO H 114 2.54 -12.55 -16.92
N SER H 115 1.49 -12.97 -16.23
CA SER H 115 0.50 -12.04 -15.68
C SER H 115 0.96 -11.25 -14.45
N GLU H 116 1.83 -11.84 -13.64
CA GLU H 116 2.31 -11.15 -12.43
C GLU H 116 2.90 -9.81 -12.82
N MET H 117 3.50 -9.76 -14.00
CA MET H 117 4.09 -8.52 -14.47
C MET H 117 2.97 -7.54 -14.74
N GLU H 118 3.34 -6.32 -15.10
CA GLU H 118 2.36 -5.28 -15.40
C GLU H 118 3.15 -4.12 -15.94
N PHE H 119 2.63 -3.47 -16.98
CA PHE H 119 3.31 -2.34 -17.58
C PHE H 119 3.24 -1.13 -16.66
N ASP H 120 4.10 -0.14 -16.90
CA ASP H 120 4.12 1.09 -16.11
C ASP H 120 4.82 2.15 -16.91
N PRO H 121 4.05 2.95 -17.66
CA PRO H 121 4.62 4.02 -18.48
C PRO H 121 5.14 5.18 -17.65
N ASN H 122 4.89 5.11 -16.34
CA ASN H 122 5.29 6.17 -15.44
C ASN H 122 6.64 6.00 -14.79
N SER H 123 6.98 4.78 -14.42
CA SER H 123 8.27 4.49 -13.79
C SER H 123 9.36 5.38 -14.39
N ASN H 124 10.38 5.75 -13.59
CA ASN H 124 11.47 6.62 -14.08
C ASN H 124 11.73 6.12 -15.49
N PRO H 125 12.13 4.84 -15.63
CA PRO H 125 12.35 4.33 -16.99
C PRO H 125 11.07 3.50 -17.18
N PRO H 126 10.41 3.62 -18.35
CA PRO H 126 9.21 2.80 -18.47
C PRO H 126 9.59 1.34 -18.15
N CYS H 127 8.65 0.53 -17.67
CA CYS H 127 9.02 -0.84 -17.34
C CYS H 127 7.88 -1.84 -17.19
N TYR H 128 8.27 -3.02 -16.72
CA TYR H 128 7.37 -4.11 -16.41
C TYR H 128 7.81 -4.50 -15.01
N LYS H 129 6.87 -4.90 -14.16
CA LYS H 129 7.20 -5.25 -12.79
C LYS H 129 6.02 -5.84 -12.07
N THR H 130 6.27 -6.75 -11.13
CA THR H 130 5.19 -7.31 -10.35
C THR H 130 4.86 -6.14 -9.43
N MET H 131 3.62 -6.05 -8.93
CA MET H 131 3.25 -4.94 -8.04
C MET H 131 4.28 -4.98 -6.93
N ASP H 132 4.63 -6.22 -6.60
CA ASP H 132 5.61 -6.56 -5.60
C ASP H 132 6.82 -5.62 -5.67
N GLU H 133 7.26 -5.30 -6.89
CA GLU H 133 8.43 -4.47 -7.15
C GLU H 133 9.65 -5.40 -7.09
N ASP H 134 9.36 -6.68 -6.89
CA ASP H 134 10.38 -7.73 -6.78
C ASP H 134 11.18 -7.88 -8.07
N ILE H 135 10.49 -7.94 -9.20
CA ILE H 135 11.13 -8.09 -10.49
C ILE H 135 10.91 -6.87 -11.37
N VAL H 136 11.95 -6.43 -12.07
CA VAL H 136 11.81 -5.27 -12.93
C VAL H 136 12.62 -5.41 -14.22
N ILE H 137 11.92 -5.26 -15.35
CA ILE H 137 12.54 -5.36 -16.66
C ILE H 137 12.44 -4.01 -17.37
N GLN H 138 13.58 -3.46 -17.77
CA GLN H 138 13.63 -2.17 -18.45
C GLN H 138 14.71 -2.12 -19.53
N GLN H 139 14.71 -1.04 -20.31
CA GLN H 139 15.68 -0.87 -21.39
C GLN H 139 17.08 -1.29 -20.94
N ASP H 140 17.73 -2.10 -21.77
CA ASP H 140 19.07 -2.59 -21.54
C ASP H 140 19.21 -3.73 -20.54
N ASP H 141 18.10 -4.20 -19.98
CA ASP H 141 18.14 -5.33 -19.07
C ASP H 141 18.35 -6.60 -19.93
N GLU H 142 18.84 -7.67 -19.33
CA GLU H 142 19.05 -8.90 -20.09
C GLU H 142 18.02 -9.92 -19.69
N ILE H 143 17.37 -10.53 -20.68
CA ILE H 143 16.35 -11.54 -20.39
C ILE H 143 16.48 -12.81 -21.21
N ARG H 144 15.95 -13.88 -20.66
CA ARG H 144 15.92 -15.20 -21.30
C ARG H 144 14.55 -15.39 -21.87
N LEU H 145 14.49 -15.78 -23.14
CA LEU H 145 13.23 -15.99 -23.80
C LEU H 145 13.29 -17.22 -24.67
N LYS H 146 12.11 -17.70 -25.07
CA LYS H 146 12.01 -18.84 -25.95
C LYS H 146 11.50 -18.22 -27.24
N ILE H 147 12.19 -18.50 -28.34
CA ILE H 147 11.79 -17.99 -29.64
C ILE H 147 10.61 -18.83 -30.04
N VAL H 148 9.48 -18.16 -30.24
CA VAL H 148 8.25 -18.82 -30.59
C VAL H 148 7.87 -18.76 -32.06
N GLY H 149 8.40 -17.79 -32.79
CA GLY H 149 8.07 -17.70 -34.19
C GLY H 149 9.10 -16.90 -34.94
N THR H 150 9.12 -17.08 -36.26
CA THR H 150 10.05 -16.35 -37.09
C THR H 150 9.34 -15.93 -38.35
N ARG H 151 9.71 -14.75 -38.86
CA ARG H 151 9.12 -14.24 -40.08
C ARG H 151 10.27 -13.71 -40.91
N VAL H 152 10.55 -14.40 -42.01
CA VAL H 152 11.63 -14.03 -42.89
C VAL H 152 11.16 -13.24 -44.12
N ASP H 153 11.97 -12.29 -44.56
CA ASP H 153 11.63 -11.53 -45.76
C ASP H 153 12.86 -11.40 -46.66
N LYS H 154 12.88 -10.36 -47.50
CA LYS H 154 13.97 -10.14 -48.44
C LYS H 154 15.33 -10.51 -47.88
N ASN H 155 15.81 -9.70 -46.95
CA ASN H 155 17.12 -9.95 -46.35
C ASN H 155 17.05 -9.70 -44.86
N ASP H 156 16.31 -10.56 -44.15
CA ASP H 156 16.18 -10.38 -42.71
C ASP H 156 15.24 -11.37 -42.03
N ILE H 157 15.49 -11.65 -40.75
CA ILE H 157 14.65 -12.56 -39.98
C ILE H 157 14.17 -11.88 -38.71
N PHE H 158 12.86 -11.86 -38.54
CA PHE H 158 12.23 -11.28 -37.37
C PHE H 158 11.72 -12.44 -36.53
N ALA H 159 11.82 -12.32 -35.21
CA ALA H 159 11.38 -13.39 -34.34
C ALA H 159 10.43 -12.86 -33.28
N ILE H 160 9.62 -13.75 -32.72
CA ILE H 160 8.70 -13.39 -31.67
C ILE H 160 8.96 -14.42 -30.58
N GLY H 161 9.08 -13.96 -29.34
CA GLY H 161 9.37 -14.87 -28.26
C GLY H 161 8.44 -14.78 -27.07
N SER H 162 8.59 -15.75 -26.18
CA SER H 162 7.78 -15.85 -25.00
C SER H 162 8.62 -15.88 -23.72
N LEU H 163 7.98 -15.50 -22.62
CA LEU H 163 8.60 -15.50 -21.29
C LEU H 163 7.75 -16.37 -20.39
N MET H 164 6.80 -17.08 -20.98
CA MET H 164 5.89 -17.90 -20.21
C MET H 164 6.55 -19.07 -19.48
N ASP H 165 7.24 -19.93 -20.21
CA ASP H 165 7.88 -21.09 -19.58
C ASP H 165 8.68 -20.80 -18.30
N ASP H 166 8.86 -21.85 -17.51
CA ASP H 166 9.62 -21.75 -16.27
C ASP H 166 11.09 -21.50 -16.53
N TYR H 167 11.70 -20.68 -15.68
CA TYR H 167 13.13 -20.36 -15.79
C TYR H 167 13.49 -19.40 -16.92
N LEU H 168 12.52 -18.65 -17.41
CA LEU H 168 12.78 -17.70 -18.47
C LEU H 168 12.76 -16.33 -17.81
N GLY H 169 12.78 -15.27 -18.60
CA GLY H 169 12.73 -13.96 -17.99
C GLY H 169 14.05 -13.28 -17.70
N LEU H 170 14.04 -12.43 -16.67
CA LEU H 170 15.19 -11.64 -16.26
C LEU H 170 16.37 -12.42 -15.68
N VAL H 171 17.57 -11.93 -16.01
CA VAL H 171 18.81 -12.53 -15.57
C VAL H 171 19.70 -11.50 -14.86
#